data_2OIB
#
_entry.id   2OIB
#
_cell.length_a   142.066
_cell.length_b   138.750
_cell.length_c   87.942
_cell.angle_alpha   90.00
_cell.angle_beta   123.95
_cell.angle_gamma   90.00
#
_symmetry.space_group_name_H-M   'C 1 2 1'
#
loop_
_entity.id
_entity.type
_entity.pdbx_description
1 polymer 'Interleukin-1 receptor-associated kinase 4'
2 water water
#
_entity_poly.entity_id   1
_entity_poly.type   'polypeptide(L)'
_entity_poly.pdbx_seq_one_letter_code
;VSDTRFHSFSFYELKNVTNNFDERPISVGGNKMGEGGFGVVYKGYVNNTTVAVKKLAAMVDITTEELKQQFDQEIKVMAK
CQHENLVELLGFSSDGDDLCLVYVYMPNGSLLDRLSCLDGTPPLSWHMRCKIAQGAANGINFLHENHHIHRDIKSANILL
DEAFTAKISDFGLARASEKFAQ(TPO)VM(TPO)(SEP)RIVGTTAYMAPEALRGEITPKSDIYSFGVVLLEIITGLPAV
DEHREPQLLLDIKEEIEDEEKTIEDYIDKKMNDADSTSVEAMYSVASQCLHEKKNKRPDIKKVQQLLQEMTAS
;
_entity_poly.pdbx_strand_id   A,B,C,D
#
# COMPACT_ATOMS: atom_id res chain seq x y z
N ASP A 3 33.13 2.22 10.63
CA ASP A 3 32.52 2.23 11.99
C ASP A 3 32.03 3.62 12.40
N THR A 4 30.98 4.09 11.72
CA THR A 4 30.42 5.42 11.96
C THR A 4 29.27 5.38 12.98
N ARG A 5 29.65 5.12 14.23
CA ARG A 5 28.70 5.00 15.35
C ARG A 5 27.60 3.95 15.16
N PHE A 6 28.04 2.70 14.93
CA PHE A 6 27.14 1.54 14.93
C PHE A 6 27.05 0.97 16.34
N HIS A 7 25.90 0.39 16.68
CA HIS A 7 25.74 -0.23 17.99
C HIS A 7 26.39 -1.62 18.05
N SER A 8 27.21 -1.82 19.09
CA SER A 8 27.83 -3.11 19.33
C SER A 8 26.94 -3.97 20.20
N PHE A 9 26.43 -5.07 19.63
CA PHE A 9 25.58 -6.01 20.33
C PHE A 9 26.40 -7.19 20.85
N SER A 10 26.01 -7.70 22.01
CA SER A 10 26.50 -9.00 22.45
C SER A 10 25.65 -10.06 21.78
N PHE A 11 26.24 -11.22 21.52
CA PHE A 11 25.56 -12.31 20.82
C PHE A 11 24.25 -12.75 21.47
N TYR A 12 24.24 -12.85 22.80
CA TYR A 12 23.08 -13.33 23.56
C TYR A 12 21.85 -12.44 23.38
N GLU A 13 22.07 -11.14 23.25
CA GLU A 13 20.99 -10.18 23.01
C GLU A 13 20.25 -10.55 21.73
N LEU A 14 21.01 -10.78 20.66
CA LEU A 14 20.47 -11.08 19.35
C LEU A 14 19.88 -12.50 19.27
N LYS A 15 20.49 -13.43 19.99
CA LYS A 15 19.97 -14.78 20.14
C LYS A 15 18.60 -14.74 20.82
N ASN A 16 18.49 -13.95 21.89
CA ASN A 16 17.23 -13.77 22.57
C ASN A 16 16.12 -13.27 21.65
N VAL A 17 16.39 -12.17 20.96
CA VAL A 17 15.35 -11.47 20.19
C VAL A 17 14.96 -12.12 18.87
N THR A 18 15.64 -13.21 18.52
CA THR A 18 15.36 -13.92 17.26
C THR A 18 14.73 -15.32 17.45
N ASN A 19 14.15 -15.55 18.63
CA ASN A 19 13.68 -16.88 19.04
C ASN A 19 14.81 -17.92 18.88
N ASN A 20 15.98 -17.57 19.44
CA ASN A 20 17.17 -18.42 19.37
C ASN A 20 17.58 -18.76 17.94
N PHE A 21 17.60 -17.73 17.10
CA PHE A 21 17.87 -17.86 15.67
C PHE A 21 17.04 -18.96 15.00
N ASP A 22 15.73 -18.86 15.18
CA ASP A 22 14.75 -19.79 14.62
C ASP A 22 14.79 -19.74 13.08
N GLU A 23 15.45 -20.74 12.49
CA GLU A 23 15.71 -20.80 11.05
C GLU A 23 14.50 -21.18 10.18
N ARG A 24 13.38 -21.52 10.79
CA ARG A 24 12.14 -21.76 10.04
C ARG A 24 11.64 -20.44 9.42
N PRO A 25 11.12 -20.50 8.18
CA PRO A 25 10.50 -19.31 7.60
C PRO A 25 9.48 -18.69 8.53
N ILE A 26 9.30 -17.38 8.46
CA ILE A 26 8.34 -16.68 9.29
C ILE A 26 6.91 -17.21 9.08
N SER A 27 6.56 -17.48 7.82
CA SER A 27 5.22 -17.98 7.47
C SER A 27 4.90 -19.36 8.07
N VAL A 28 5.92 -20.04 8.58
CA VAL A 28 5.73 -21.34 9.23
C VAL A 28 6.05 -21.26 10.74
N GLY A 29 6.14 -20.03 11.25
CA GLY A 29 6.31 -19.78 12.68
C GLY A 29 7.70 -19.39 13.15
N GLY A 30 8.68 -19.44 12.25
CA GLY A 30 10.06 -19.11 12.59
C GLY A 30 10.39 -17.64 12.43
N ASN A 31 11.69 -17.35 12.33
CA ASN A 31 12.19 -15.97 12.22
C ASN A 31 12.96 -15.67 10.92
N LYS A 32 13.28 -16.70 10.15
CA LYS A 32 14.01 -16.52 8.89
C LYS A 32 13.15 -15.76 7.88
N MET A 33 13.68 -14.63 7.40
CA MET A 33 13.00 -13.86 6.37
C MET A 33 13.70 -13.98 5.02
N GLY A 34 14.89 -14.57 5.03
CA GLY A 34 15.68 -14.75 3.81
C GLY A 34 17.07 -15.28 4.10
N GLU A 35 17.83 -15.50 3.03
CA GLU A 35 19.18 -16.06 3.13
C GLU A 35 19.97 -15.78 1.86
N GLY A 39 25.37 -15.56 4.75
CA GLY A 39 24.63 -16.00 5.94
C GLY A 39 23.12 -15.96 5.79
N VAL A 40 22.43 -16.19 6.92
CA VAL A 40 20.96 -16.25 6.97
C VAL A 40 20.45 -15.00 7.71
N VAL A 41 19.30 -14.49 7.26
CA VAL A 41 18.73 -13.26 7.81
C VAL A 41 17.47 -13.54 8.60
N TYR A 42 17.43 -13.03 9.84
CA TYR A 42 16.36 -13.30 10.77
C TYR A 42 15.65 -12.02 11.22
N LYS A 43 14.35 -12.15 11.50
CA LYS A 43 13.58 -11.06 12.11
C LYS A 43 13.79 -11.05 13.63
N GLY A 44 13.93 -9.84 14.18
CA GLY A 44 14.11 -9.65 15.61
C GLY A 44 13.44 -8.39 16.12
N TYR A 45 13.07 -8.40 17.39
CA TYR A 45 12.44 -7.24 18.03
C TYR A 45 13.37 -6.72 19.13
N VAL A 46 13.99 -5.58 18.87
CA VAL A 46 14.93 -4.96 19.80
C VAL A 46 14.42 -3.57 20.16
N ASN A 47 14.22 -3.33 21.45
CA ASN A 47 13.97 -1.99 21.96
C ASN A 47 12.85 -1.24 21.23
N ASN A 48 11.67 -1.85 21.19
CA ASN A 48 10.51 -1.27 20.50
C ASN A 48 10.64 -1.21 18.97
N THR A 49 11.77 -1.68 18.45
CA THR A 49 12.04 -1.67 17.02
C THR A 49 12.14 -3.10 16.47
N THR A 50 11.60 -3.32 15.27
CA THR A 50 11.87 -4.54 14.54
C THR A 50 13.17 -4.34 13.77
N VAL A 51 14.00 -5.37 13.73
CA VAL A 51 15.27 -5.30 13.01
C VAL A 51 15.48 -6.53 12.13
N ALA A 52 16.40 -6.40 11.17
CA ALA A 52 16.87 -7.53 10.38
C ALA A 52 18.23 -7.95 10.92
N VAL A 53 18.35 -9.22 11.31
CA VAL A 53 19.61 -9.73 11.85
C VAL A 53 20.18 -10.79 10.92
N LYS A 54 21.33 -10.49 10.32
CA LYS A 54 22.04 -11.43 9.47
C LYS A 54 23.14 -12.14 10.26
N LYS A 55 23.03 -13.47 10.34
CA LYS A 55 23.98 -14.30 11.09
C LYS A 55 24.97 -14.97 10.13
N THR A 63 36.02 -20.52 6.14
CA THR A 63 37.23 -19.93 6.71
C THR A 63 36.86 -18.92 7.80
N THR A 64 37.46 -19.09 8.97
CA THR A 64 37.16 -18.24 10.13
C THR A 64 37.74 -16.84 10.01
N GLU A 65 39.01 -16.75 9.60
CA GLU A 65 39.70 -15.46 9.46
C GLU A 65 39.18 -14.67 8.26
N GLU A 66 38.80 -15.39 7.20
CA GLU A 66 38.34 -14.76 5.96
C GLU A 66 36.88 -14.31 6.01
N LEU A 67 36.08 -14.99 6.83
CA LEU A 67 34.70 -14.56 7.10
C LEU A 67 34.73 -13.25 7.90
N LYS A 68 35.70 -13.15 8.80
CA LYS A 68 35.93 -11.98 9.64
C LYS A 68 36.28 -10.73 8.82
N GLN A 69 37.08 -10.89 7.77
CA GLN A 69 37.46 -9.75 6.93
C GLN A 69 36.34 -9.34 5.96
N GLN A 70 35.47 -10.27 5.61
CA GLN A 70 34.26 -9.94 4.84
C GLN A 70 33.26 -9.20 5.73
N PHE A 71 33.16 -9.67 6.97
CA PHE A 71 32.40 -9.00 8.03
C PHE A 71 32.88 -7.55 8.19
N ASP A 72 34.19 -7.37 8.33
CA ASP A 72 34.81 -6.03 8.41
C ASP A 72 34.65 -5.23 7.12
N GLN A 73 34.65 -5.93 5.98
CA GLN A 73 34.49 -5.31 4.66
C GLN A 73 33.11 -4.67 4.50
N GLU A 74 32.07 -5.38 4.91
CA GLU A 74 30.71 -4.88 4.75
C GLU A 74 30.43 -3.69 5.67
N ILE A 75 30.93 -3.75 6.90
CA ILE A 75 30.80 -2.64 7.85
C ILE A 75 31.45 -1.38 7.25
N LYS A 76 32.62 -1.56 6.63
CA LYS A 76 33.36 -0.51 5.94
C LYS A 76 32.51 0.14 4.85
N VAL A 77 31.87 -0.68 4.02
CA VAL A 77 30.98 -0.20 2.95
C VAL A 77 29.77 0.54 3.52
N MET A 78 29.21 -0.01 4.58
CA MET A 78 27.99 0.53 5.19
C MET A 78 28.24 1.80 6.02
N ALA A 79 29.47 1.93 6.50
CA ALA A 79 29.91 3.14 7.18
C ALA A 79 29.98 4.30 6.19
N LYS A 80 30.50 4.02 4.99
CA LYS A 80 30.73 5.03 3.97
C LYS A 80 29.48 5.32 3.12
N CYS A 81 28.59 4.34 2.98
CA CYS A 81 27.44 4.44 2.08
C CYS A 81 26.11 4.58 2.80
N GLN A 82 25.70 5.83 3.03
CA GLN A 82 24.44 6.17 3.69
C GLN A 82 23.57 6.96 2.71
N HIS A 83 22.36 6.46 2.43
CA HIS A 83 21.49 7.06 1.42
C HIS A 83 20.07 6.55 1.62
N GLU A 84 19.08 7.40 1.37
CA GLU A 84 17.66 7.02 1.50
C GLU A 84 17.28 5.75 0.73
N ASN A 85 17.96 5.48 -0.39
CA ASN A 85 17.68 4.28 -1.19
C ASN A 85 18.64 3.10 -0.95
N LEU A 86 19.30 3.12 0.20
CA LEU A 86 20.16 2.02 0.65
C LEU A 86 19.69 1.56 2.02
N VAL A 87 19.67 0.24 2.26
CA VAL A 87 19.46 -0.30 3.61
C VAL A 87 20.56 0.24 4.54
N GLU A 88 20.14 0.71 5.72
CA GLU A 88 21.06 1.25 6.72
C GLU A 88 21.45 0.18 7.72
N LEU A 89 22.76 0.07 8.00
CA LEU A 89 23.27 -0.83 9.04
C LEU A 89 23.11 -0.17 10.40
N LEU A 90 22.51 -0.90 11.34
CA LEU A 90 22.27 -0.38 12.68
C LEU A 90 23.36 -0.80 13.66
N GLY A 91 23.85 -2.01 13.49
CA GLY A 91 24.89 -2.51 14.38
C GLY A 91 25.40 -3.88 14.01
N PHE A 92 26.13 -4.47 14.94
CA PHE A 92 26.81 -5.74 14.71
C PHE A 92 27.07 -6.47 16.01
N SER A 93 27.50 -7.72 15.89
CA SER A 93 27.92 -8.51 17.04
C SER A 93 29.10 -9.42 16.65
N SER A 94 30.14 -9.41 17.48
CA SER A 94 31.32 -10.27 17.27
C SER A 94 31.96 -10.74 18.58
N ASP A 95 31.19 -11.47 19.39
CA ASP A 95 31.67 -12.00 20.67
C ASP A 95 31.17 -13.42 20.96
N GLY A 96 30.10 -13.84 20.29
CA GLY A 96 29.52 -15.17 20.49
C GLY A 96 29.99 -16.20 19.48
N ASP A 97 31.25 -16.05 19.05
CA ASP A 97 31.92 -16.94 18.09
C ASP A 97 31.08 -17.12 16.81
N ASP A 98 30.16 -16.17 16.59
CA ASP A 98 29.18 -16.25 15.51
C ASP A 98 28.78 -14.81 15.14
N LEU A 99 29.26 -14.36 13.98
CA LEU A 99 29.15 -12.95 13.58
C LEU A 99 27.76 -12.55 13.10
N CYS A 100 27.26 -11.41 13.60
CA CYS A 100 25.95 -10.89 13.18
C CYS A 100 26.03 -9.45 12.71
N LEU A 101 25.15 -9.12 11.76
CA LEU A 101 24.94 -7.76 11.31
C LEU A 101 23.46 -7.41 11.45
N VAL A 102 23.20 -6.22 11.97
CA VAL A 102 21.84 -5.79 12.30
C VAL A 102 21.47 -4.57 11.46
N TYR A 103 20.33 -4.66 10.76
CA TYR A 103 19.92 -3.62 9.80
C TYR A 103 18.53 -3.12 10.10
N VAL A 104 18.23 -1.94 9.58
CA VAL A 104 16.86 -1.41 9.53
C VAL A 104 15.95 -2.43 8.83
N TYR A 105 14.82 -2.70 9.46
CA TYR A 105 13.83 -3.64 8.96
C TYR A 105 12.89 -2.96 7.98
N MET A 106 12.69 -3.59 6.83
CA MET A 106 11.89 -3.04 5.75
C MET A 106 10.60 -3.85 5.68
N PRO A 107 9.48 -3.29 6.18
CA PRO A 107 8.21 -4.00 6.40
C PRO A 107 7.56 -4.59 5.15
N ASN A 108 7.85 -4.01 3.99
CA ASN A 108 7.19 -4.48 2.78
C ASN A 108 7.97 -5.48 1.96
N GLY A 109 9.04 -6.02 2.57
CA GLY A 109 9.82 -7.09 1.99
C GLY A 109 10.55 -6.70 0.70
N SER A 110 10.85 -7.68 -0.14
CA SER A 110 11.59 -7.45 -1.38
C SER A 110 10.68 -7.16 -2.55
N LEU A 111 11.23 -6.47 -3.56
CA LEU A 111 10.52 -6.26 -4.81
C LEU A 111 10.12 -7.60 -5.46
N LEU A 112 10.99 -8.60 -5.32
CA LEU A 112 10.73 -9.92 -5.89
C LEU A 112 9.39 -10.46 -5.38
N ASP A 113 9.20 -10.45 -4.06
CA ASP A 113 7.98 -10.95 -3.47
C ASP A 113 6.75 -10.08 -3.74
N ARG A 114 6.95 -8.77 -3.90
CA ARG A 114 5.82 -7.89 -4.23
C ARG A 114 5.39 -8.03 -5.68
N LEU A 115 6.34 -8.28 -6.57
CA LEU A 115 6.03 -8.56 -7.95
C LEU A 115 5.30 -9.90 -8.12
N SER A 116 5.63 -10.87 -7.27
CA SER A 116 4.94 -12.17 -7.33
C SER A 116 3.65 -12.17 -6.48
N CYS A 117 3.45 -11.11 -5.70
CA CYS A 117 2.30 -10.97 -4.80
C CYS A 117 2.31 -12.05 -3.72
N LEU A 118 3.51 -12.38 -3.25
CA LEU A 118 3.71 -13.43 -2.25
C LEU A 118 2.84 -13.19 -1.02
N ASP A 119 2.25 -14.27 -0.51
CA ASP A 119 1.37 -14.18 0.68
C ASP A 119 0.13 -13.31 0.47
N GLY A 120 -0.26 -13.10 -0.78
CA GLY A 120 -1.53 -12.45 -1.09
C GLY A 120 -1.56 -10.94 -1.05
N THR A 121 -0.40 -10.31 -1.17
CA THR A 121 -0.31 -8.86 -1.24
C THR A 121 -0.88 -8.32 -2.59
N PRO A 122 -1.38 -7.07 -2.59
CA PRO A 122 -1.93 -6.46 -3.80
C PRO A 122 -0.88 -6.20 -4.87
N PRO A 123 -1.19 -6.51 -6.14
CA PRO A 123 -0.28 -6.16 -7.24
C PRO A 123 0.15 -4.69 -7.15
N LEU A 124 1.41 -4.41 -7.50
CA LEU A 124 1.91 -3.04 -7.51
C LEU A 124 1.39 -2.33 -8.76
N SER A 125 0.97 -1.07 -8.60
CA SER A 125 0.52 -0.28 -9.74
C SER A 125 1.70 0.13 -10.61
N TRP A 126 1.41 0.55 -11.84
CA TRP A 126 2.47 1.06 -12.72
C TRP A 126 3.15 2.31 -12.15
N HIS A 127 2.35 3.22 -11.59
CA HIS A 127 2.88 4.40 -10.90
C HIS A 127 3.88 4.03 -9.80
N MET A 128 3.50 3.13 -8.90
CA MET A 128 4.40 2.67 -7.84
C MET A 128 5.66 2.02 -8.44
N ARG A 129 5.46 1.17 -9.45
CA ARG A 129 6.59 0.49 -10.11
C ARG A 129 7.63 1.48 -10.65
N CYS A 130 7.16 2.57 -11.27
CA CYS A 130 8.06 3.62 -11.78
C CYS A 130 8.83 4.30 -10.66
N LYS A 131 8.13 4.61 -9.57
CA LYS A 131 8.75 5.19 -8.37
C LYS A 131 9.84 4.28 -7.76
N ILE A 132 9.55 2.98 -7.69
CA ILE A 132 10.52 2.01 -7.17
C ILE A 132 11.74 1.91 -8.09
N ALA A 133 11.49 1.83 -9.40
CA ALA A 133 12.56 1.83 -10.40
C ALA A 133 13.46 3.06 -10.27
N GLN A 134 12.85 4.24 -10.09
CA GLN A 134 13.61 5.49 -9.90
C GLN A 134 14.42 5.47 -8.61
N GLY A 135 13.78 5.02 -7.54
CA GLY A 135 14.44 4.85 -6.25
C GLY A 135 15.64 3.94 -6.33
N ALA A 136 15.45 2.77 -6.92
CA ALA A 136 16.55 1.80 -7.11
C ALA A 136 17.72 2.44 -7.87
N ALA A 137 17.41 3.11 -8.98
CA ALA A 137 18.42 3.81 -9.78
C ALA A 137 19.17 4.86 -8.98
N ASN A 138 18.44 5.61 -8.15
CA ASN A 138 19.06 6.60 -7.27
C ASN A 138 20.04 5.97 -6.30
N GLY A 139 19.64 4.84 -5.74
CA GLY A 139 20.50 4.06 -4.84
C GLY A 139 21.77 3.58 -5.51
N ILE A 140 21.63 2.98 -6.68
CA ILE A 140 22.79 2.51 -7.45
C ILE A 140 23.67 3.69 -7.84
N ASN A 141 23.06 4.80 -8.25
CA ASN A 141 23.80 6.02 -8.55
C ASN A 141 24.72 6.45 -7.40
N PHE A 142 24.18 6.53 -6.19
CA PHE A 142 25.00 6.82 -5.00
C PHE A 142 26.20 5.89 -4.85
N LEU A 143 25.98 4.59 -5.08
CA LEU A 143 27.08 3.61 -4.94
C LEU A 143 28.17 3.84 -5.97
N HIS A 144 27.77 4.02 -7.24
CA HIS A 144 28.75 4.25 -8.30
C HIS A 144 29.49 5.59 -8.11
N GLU A 145 28.75 6.65 -7.77
CA GLU A 145 29.35 7.97 -7.44
C GLU A 145 30.40 7.88 -6.34
N ASN A 146 30.17 6.96 -5.41
CA ASN A 146 31.07 6.73 -4.30
C ASN A 146 31.95 5.52 -4.51
N HIS A 147 32.08 5.14 -5.79
CA HIS A 147 33.07 4.17 -6.25
C HIS A 147 32.92 2.79 -5.64
N HIS A 148 31.68 2.33 -5.59
CA HIS A 148 31.37 0.97 -5.18
C HIS A 148 30.64 0.23 -6.28
N ILE A 149 30.87 -1.07 -6.35
CA ILE A 149 30.15 -1.96 -7.24
C ILE A 149 29.39 -2.93 -6.35
N HIS A 150 28.09 -3.04 -6.56
CA HIS A 150 27.26 -3.89 -5.71
C HIS A 150 27.56 -5.37 -5.91
N ARG A 151 27.50 -5.81 -7.17
CA ARG A 151 27.79 -7.19 -7.60
C ARG A 151 26.66 -8.23 -7.44
N ASP A 152 25.54 -7.84 -6.85
CA ASP A 152 24.39 -8.75 -6.73
C ASP A 152 23.06 -7.99 -6.78
N ILE A 153 22.95 -7.10 -7.77
CA ILE A 153 21.74 -6.33 -8.00
C ILE A 153 20.68 -7.27 -8.58
N LYS A 154 19.54 -7.32 -7.90
CA LYS A 154 18.42 -8.18 -8.29
C LYS A 154 17.21 -7.75 -7.49
N SER A 155 16.02 -8.20 -7.89
CA SER A 155 14.81 -7.78 -7.21
C SER A 155 14.69 -8.28 -5.76
N ALA A 156 15.31 -9.42 -5.43
CA ALA A 156 15.30 -9.91 -4.04
C ALA A 156 16.13 -8.98 -3.15
N ASN A 157 17.08 -8.28 -3.75
CA ASN A 157 17.92 -7.31 -3.03
C ASN A 157 17.48 -5.85 -3.21
N ILE A 158 16.23 -5.65 -3.64
CA ILE A 158 15.62 -4.34 -3.57
C ILE A 158 14.50 -4.43 -2.57
N LEU A 159 14.73 -3.90 -1.38
CA LEU A 159 13.74 -4.01 -0.32
C LEU A 159 12.85 -2.78 -0.31
N LEU A 160 11.72 -2.88 0.40
CA LEU A 160 10.70 -1.84 0.35
C LEU A 160 10.28 -1.42 1.75
N ASP A 161 10.45 -0.15 2.09
CA ASP A 161 10.07 0.32 3.42
C ASP A 161 8.54 0.53 3.53
N GLU A 162 8.14 1.23 4.59
CA GLU A 162 6.73 1.52 4.88
C GLU A 162 6.00 2.22 3.75
N ALA A 163 6.67 3.13 3.05
CA ALA A 163 6.09 3.87 1.94
C ALA A 163 6.46 3.29 0.57
N PHE A 164 6.98 2.05 0.57
CA PHE A 164 7.45 1.37 -0.64
C PHE A 164 8.61 2.08 -1.32
N THR A 165 9.40 2.80 -0.53
CA THR A 165 10.65 3.36 -1.01
C THR A 165 11.65 2.23 -1.24
N ALA A 166 12.29 2.25 -2.42
CA ALA A 166 13.27 1.23 -2.79
C ALA A 166 14.55 1.34 -1.95
N LYS A 167 14.97 0.23 -1.36
CA LYS A 167 16.20 0.18 -0.57
C LYS A 167 17.13 -0.93 -1.05
N ILE A 168 18.24 -0.53 -1.71
CA ILE A 168 19.26 -1.50 -2.13
C ILE A 168 19.86 -2.16 -0.90
N SER A 169 19.92 -3.49 -0.91
CA SER A 169 20.44 -4.25 0.24
C SER A 169 21.40 -5.36 -0.16
N ASP A 170 21.83 -6.12 0.84
CA ASP A 170 22.81 -7.21 0.71
C ASP A 170 24.08 -6.73 0.05
N PHE A 171 24.94 -6.11 0.86
CA PHE A 171 26.20 -5.56 0.40
C PHE A 171 27.40 -6.48 0.72
N GLY A 172 27.13 -7.77 0.94
CA GLY A 172 28.17 -8.72 1.34
C GLY A 172 29.24 -8.96 0.29
N LEU A 173 28.94 -8.62 -0.96
CA LEU A 173 29.85 -8.85 -2.07
C LEU A 173 30.43 -7.55 -2.64
N ALA A 174 29.92 -6.42 -2.15
CA ALA A 174 30.26 -5.09 -2.71
C ALA A 174 31.76 -4.80 -2.69
N ARG A 175 32.25 -4.24 -3.79
CA ARG A 175 33.67 -3.90 -3.95
C ARG A 175 33.86 -2.42 -4.28
N ALA A 176 34.94 -1.85 -3.77
CA ALA A 176 35.32 -0.49 -4.13
C ALA A 176 36.07 -0.49 -5.46
N SER A 177 35.77 0.50 -6.32
CA SER A 177 36.50 0.66 -7.57
C SER A 177 37.40 1.89 -7.51
N GLU A 178 38.27 2.04 -8.50
CA GLU A 178 39.22 3.16 -8.56
C GLU A 178 38.92 4.07 -9.75
N VAL A 184 38.81 -4.77 -12.89
CA VAL A 184 39.72 -5.81 -12.42
C VAL A 184 39.11 -7.20 -12.58
N MET A 185 39.90 -8.23 -12.33
CA MET A 185 39.40 -9.61 -12.35
C MET A 185 39.52 -10.31 -11.00
N ARG A 188 37.23 -15.65 -7.67
CA ARG A 188 36.00 -16.14 -7.07
C ARG A 188 34.77 -15.46 -7.65
N ILE A 189 34.22 -16.07 -8.70
CA ILE A 189 33.03 -15.55 -9.38
C ILE A 189 31.81 -15.70 -8.49
N VAL A 190 31.25 -14.56 -8.08
CA VAL A 190 30.05 -14.54 -7.25
C VAL A 190 28.92 -13.69 -7.86
N GLY A 191 27.69 -13.99 -7.46
CA GLY A 191 26.51 -13.28 -7.97
C GLY A 191 25.40 -14.24 -8.33
N THR A 192 24.32 -13.70 -8.91
CA THR A 192 23.15 -14.49 -9.27
C THR A 192 23.06 -14.59 -10.79
N THR A 193 23.22 -15.81 -11.30
CA THR A 193 23.41 -16.10 -12.74
C THR A 193 22.40 -15.43 -13.68
N ALA A 194 21.12 -15.50 -13.33
CA ALA A 194 20.04 -14.99 -14.18
C ALA A 194 20.06 -13.46 -14.28
N TYR A 195 20.87 -12.81 -13.45
CA TYR A 195 21.00 -11.35 -13.47
C TYR A 195 22.36 -10.88 -13.95
N MET A 196 23.31 -11.82 -14.11
CA MET A 196 24.70 -11.48 -14.37
C MET A 196 25.04 -11.14 -15.82
N ALA A 197 25.77 -10.05 -15.99
CA ALA A 197 26.36 -9.68 -17.26
C ALA A 197 27.38 -10.74 -17.67
N PRO A 198 27.61 -10.89 -18.99
CA PRO A 198 28.59 -11.87 -19.48
C PRO A 198 30.00 -11.67 -18.90
N GLU A 199 30.47 -10.43 -18.82
CA GLU A 199 31.79 -10.16 -18.25
C GLU A 199 31.90 -10.54 -16.77
N ALA A 200 30.81 -10.34 -16.02
CA ALA A 200 30.74 -10.73 -14.62
C ALA A 200 30.83 -12.26 -14.47
N LEU A 201 30.16 -12.97 -15.38
CA LEU A 201 30.22 -14.43 -15.42
C LEU A 201 31.61 -14.95 -15.78
N ARG A 202 32.46 -14.05 -16.29
CA ARG A 202 33.84 -14.38 -16.64
C ARG A 202 34.87 -13.83 -15.63
N GLY A 203 34.38 -13.30 -14.52
CA GLY A 203 35.26 -12.91 -13.43
C GLY A 203 35.67 -11.46 -13.42
N GLU A 204 35.16 -10.67 -14.37
CA GLU A 204 35.46 -9.24 -14.39
C GLU A 204 34.62 -8.51 -13.35
N ILE A 205 35.24 -7.52 -12.70
CA ILE A 205 34.53 -6.67 -11.74
C ILE A 205 34.47 -5.25 -12.29
N THR A 206 33.25 -4.79 -12.57
CA THR A 206 33.02 -3.47 -13.17
C THR A 206 31.61 -2.96 -12.86
N PRO A 207 31.46 -1.64 -12.60
CA PRO A 207 30.13 -1.09 -12.33
C PRO A 207 29.17 -1.26 -13.50
N LYS A 208 29.70 -1.52 -14.69
CA LYS A 208 28.89 -1.75 -15.89
C LYS A 208 28.05 -3.02 -15.73
N SER A 209 28.54 -3.96 -14.93
CA SER A 209 27.81 -5.19 -14.63
C SER A 209 26.54 -4.94 -13.79
N ASP A 210 26.61 -4.01 -12.84
CA ASP A 210 25.43 -3.59 -12.06
C ASP A 210 24.29 -3.08 -12.92
N ILE A 211 24.65 -2.26 -13.91
CA ILE A 211 23.73 -1.70 -14.92
C ILE A 211 23.00 -2.83 -15.65
N TYR A 212 23.77 -3.81 -16.13
CA TYR A 212 23.18 -4.96 -16.81
C TYR A 212 22.17 -5.67 -15.92
N SER A 213 22.55 -5.92 -14.67
CA SER A 213 21.65 -6.58 -13.72
C SER A 213 20.39 -5.75 -13.47
N PHE A 214 20.57 -4.43 -13.42
CA PHE A 214 19.45 -3.54 -13.24
C PHE A 214 18.47 -3.61 -14.43
N GLY A 215 19.01 -3.86 -15.63
CA GLY A 215 18.17 -4.10 -16.80
C GLY A 215 17.24 -5.29 -16.68
N VAL A 216 17.72 -6.35 -16.05
CA VAL A 216 16.89 -7.52 -15.78
C VAL A 216 15.76 -7.15 -14.81
N VAL A 217 16.12 -6.38 -13.77
CA VAL A 217 15.16 -5.89 -12.78
C VAL A 217 14.04 -5.12 -13.46
N LEU A 218 14.41 -4.19 -14.33
CA LEU A 218 13.42 -3.41 -15.07
C LEU A 218 12.48 -4.32 -15.85
N LEU A 219 13.01 -5.41 -16.41
CA LEU A 219 12.17 -6.37 -17.11
C LEU A 219 11.16 -7.03 -16.17
N GLU A 220 11.59 -7.39 -14.97
CA GLU A 220 10.72 -8.00 -13.97
C GLU A 220 9.58 -7.06 -13.58
N ILE A 221 9.92 -5.77 -13.43
CA ILE A 221 8.95 -4.71 -13.10
C ILE A 221 7.88 -4.58 -14.19
N ILE A 222 8.31 -4.62 -15.46
CA ILE A 222 7.38 -4.49 -16.59
C ILE A 222 6.45 -5.70 -16.70
N THR A 223 7.04 -6.89 -16.55
CA THR A 223 6.36 -8.15 -16.84
C THR A 223 5.78 -8.84 -15.61
N GLY A 224 6.34 -8.52 -14.44
CA GLY A 224 6.00 -9.23 -13.19
C GLY A 224 6.49 -10.68 -13.13
N LEU A 225 7.36 -11.04 -14.07
CA LEU A 225 7.91 -12.39 -14.15
C LEU A 225 9.24 -12.50 -13.42
N PRO A 226 9.53 -13.68 -12.83
CA PRO A 226 10.86 -13.81 -12.22
C PRO A 226 11.96 -13.97 -13.26
N ALA A 227 13.18 -13.60 -12.87
CA ALA A 227 14.32 -13.60 -13.77
C ALA A 227 14.59 -14.99 -14.33
N VAL A 228 14.22 -16.00 -13.57
CA VAL A 228 14.38 -17.38 -13.98
C VAL A 228 13.17 -18.22 -13.57
N ASP A 229 12.76 -19.13 -14.44
CA ASP A 229 11.61 -20.01 -14.19
C ASP A 229 11.87 -21.28 -14.98
N GLU A 230 12.31 -22.32 -14.27
CA GLU A 230 12.71 -23.59 -14.88
C GLU A 230 11.61 -24.28 -15.72
N HIS A 231 10.35 -23.89 -15.50
CA HIS A 231 9.22 -24.43 -16.25
C HIS A 231 8.68 -23.44 -17.28
N ARG A 232 9.48 -22.44 -17.63
CA ARG A 232 9.07 -21.42 -18.57
C ARG A 232 9.95 -21.47 -19.82
N GLU A 233 9.38 -21.03 -20.94
CA GLU A 233 10.15 -20.80 -22.17
C GLU A 233 9.95 -19.33 -22.59
N PRO A 234 11.04 -18.53 -22.58
CA PRO A 234 12.41 -18.94 -22.22
C PRO A 234 12.56 -19.03 -20.71
N GLN A 235 13.48 -19.86 -20.25
CA GLN A 235 13.73 -19.99 -18.81
C GLN A 235 14.28 -18.70 -18.21
N LEU A 236 15.14 -18.01 -18.97
CA LEU A 236 15.73 -16.75 -18.53
C LEU A 236 14.94 -15.56 -19.08
N LEU A 237 14.51 -14.69 -18.17
CA LEU A 237 13.75 -13.50 -18.56
C LEU A 237 14.50 -12.63 -19.57
N LEU A 238 15.82 -12.55 -19.43
CA LEU A 238 16.65 -11.68 -20.28
C LEU A 238 16.57 -12.08 -21.75
N ASP A 239 16.16 -13.32 -22.02
CA ASP A 239 16.03 -13.83 -23.38
C ASP A 239 14.81 -13.26 -24.12
N ILE A 240 13.87 -12.65 -23.39
CA ILE A 240 12.70 -12.02 -24.03
C ILE A 240 13.10 -10.81 -24.87
N LYS A 241 14.25 -10.22 -24.59
CA LYS A 241 14.80 -9.12 -25.37
C LYS A 241 15.04 -9.53 -26.83
N GLU A 242 15.59 -10.73 -27.02
CA GLU A 242 15.87 -11.26 -28.34
C GLU A 242 14.62 -11.65 -29.13
N GLU A 243 13.61 -12.15 -28.41
CA GLU A 243 12.32 -12.50 -28.99
C GLU A 243 11.60 -11.26 -29.51
N ILE A 244 11.79 -10.15 -28.80
CA ILE A 244 11.20 -8.86 -29.16
C ILE A 244 11.96 -8.19 -30.30
N GLU A 245 13.30 -8.23 -30.25
CA GLU A 245 14.15 -7.66 -31.30
C GLU A 245 13.97 -8.35 -32.65
N ASP A 246 13.84 -9.68 -32.62
CA ASP A 246 13.50 -10.45 -33.80
C ASP A 246 11.98 -10.51 -33.91
N GLU A 247 11.38 -9.33 -34.06
CA GLU A 247 9.93 -9.05 -33.93
C GLU A 247 8.88 -10.17 -33.91
N GLU A 248 9.21 -11.29 -33.26
CA GLU A 248 8.26 -12.38 -33.06
C GLU A 248 7.19 -11.92 -32.07
N LYS A 249 7.64 -11.18 -31.06
CA LYS A 249 6.79 -10.69 -30.00
C LYS A 249 6.99 -9.19 -29.80
N THR A 250 6.10 -8.61 -29.00
CA THR A 250 6.17 -7.20 -28.63
C THR A 250 6.30 -7.11 -27.12
N ILE A 251 6.77 -5.98 -26.63
CA ILE A 251 6.82 -5.76 -25.17
C ILE A 251 5.39 -5.81 -24.61
N GLU A 252 4.44 -5.40 -25.45
CA GLU A 252 3.02 -5.37 -25.14
C GLU A 252 2.51 -6.77 -24.78
N ASP A 253 3.00 -7.78 -25.50
CA ASP A 253 2.70 -9.18 -25.22
C ASP A 253 3.09 -9.60 -23.80
N TYR A 254 4.13 -8.96 -23.26
CA TYR A 254 4.73 -9.40 -21.99
C TYR A 254 4.38 -8.55 -20.78
N ILE A 255 3.72 -7.42 -20.98
CA ILE A 255 3.37 -6.51 -19.89
C ILE A 255 2.53 -7.23 -18.84
N ASP A 256 2.87 -7.03 -17.57
CA ASP A 256 2.12 -7.56 -16.44
C ASP A 256 0.66 -7.16 -16.56
N LYS A 257 -0.23 -8.17 -16.56
CA LYS A 257 -1.67 -7.96 -16.67
C LYS A 257 -2.29 -7.44 -15.36
N LYS A 258 -1.54 -7.58 -14.26
CA LYS A 258 -1.98 -7.19 -12.92
C LYS A 258 -1.77 -5.70 -12.62
N MET A 259 -2.02 -4.87 -13.62
CA MET A 259 -2.04 -3.42 -13.48
C MET A 259 -3.15 -2.92 -14.37
N ASN A 260 -3.74 -1.79 -14.01
CA ASN A 260 -4.69 -1.14 -14.91
C ASN A 260 -4.25 0.29 -15.30
N ASP A 261 -3.11 0.72 -14.80
CA ASP A 261 -2.62 2.09 -15.02
C ASP A 261 -1.31 2.16 -15.84
N ALA A 262 -1.05 1.12 -16.63
CA ALA A 262 0.18 1.07 -17.42
C ALA A 262 -0.02 1.54 -18.87
N ASP A 263 0.24 2.83 -19.11
CA ASP A 263 0.13 3.37 -20.48
C ASP A 263 1.29 2.90 -21.34
N SER A 264 0.97 2.59 -22.60
CA SER A 264 1.96 2.09 -23.59
C SER A 264 3.24 2.92 -23.66
N THR A 265 3.11 4.23 -23.62
CA THR A 265 4.25 5.14 -23.80
C THR A 265 5.33 4.97 -22.73
N SER A 266 4.96 5.06 -21.45
CA SER A 266 5.94 4.94 -20.37
C SER A 266 6.49 3.52 -20.23
N VAL A 267 5.66 2.52 -20.50
CA VAL A 267 6.11 1.13 -20.51
C VAL A 267 7.18 0.89 -21.58
N GLU A 268 6.95 1.44 -22.77
CA GLU A 268 7.92 1.39 -23.86
C GLU A 268 9.18 2.18 -23.50
N ALA A 269 9.01 3.36 -22.88
CA ALA A 269 10.13 4.12 -22.36
C ALA A 269 10.96 3.34 -21.33
N MET A 270 10.32 2.63 -20.41
CA MET A 270 11.06 1.81 -19.45
C MET A 270 11.78 0.65 -20.13
N TYR A 271 11.08 -0.04 -21.05
CA TYR A 271 11.68 -1.13 -21.78
C TYR A 271 12.94 -0.68 -22.56
N SER A 272 12.89 0.53 -23.11
CA SER A 272 14.03 1.10 -23.84
C SER A 272 15.25 1.25 -22.93
N VAL A 273 15.02 1.68 -21.69
CA VAL A 273 16.09 1.78 -20.70
C VAL A 273 16.63 0.37 -20.43
N ALA A 274 15.72 -0.57 -20.15
CA ALA A 274 16.06 -1.97 -19.88
C ALA A 274 16.89 -2.61 -21.01
N SER A 275 16.48 -2.35 -22.24
CA SER A 275 17.15 -2.91 -23.43
C SER A 275 18.57 -2.39 -23.59
N GLN A 276 18.77 -1.08 -23.38
CA GLN A 276 20.09 -0.47 -23.36
C GLN A 276 20.98 -1.02 -22.25
N CYS A 277 20.40 -1.16 -21.05
CA CYS A 277 21.11 -1.74 -19.91
C CYS A 277 21.61 -3.14 -20.22
N LEU A 278 20.85 -3.86 -21.03
CA LEU A 278 21.11 -5.27 -21.33
C LEU A 278 21.99 -5.52 -22.56
N HIS A 279 22.65 -4.48 -23.05
CA HIS A 279 23.61 -4.68 -24.14
C HIS A 279 24.69 -5.66 -23.68
N GLU A 280 24.92 -6.70 -24.48
CA GLU A 280 25.88 -7.75 -24.11
C GLU A 280 27.29 -7.22 -23.92
N LYS A 281 27.63 -6.16 -24.66
CA LYS A 281 28.93 -5.51 -24.51
C LYS A 281 28.92 -4.35 -23.50
N LYS A 282 29.76 -4.47 -22.46
CA LYS A 282 29.74 -3.55 -21.32
C LYS A 282 29.90 -2.07 -21.65
N ASN A 283 30.65 -1.77 -22.70
CA ASN A 283 30.95 -0.39 -23.06
C ASN A 283 29.84 0.32 -23.84
N LYS A 284 28.83 -0.43 -24.27
CA LYS A 284 27.72 0.12 -25.04
C LYS A 284 26.52 0.42 -24.15
N ARG A 285 26.60 -0.01 -22.89
CA ARG A 285 25.57 0.23 -21.89
C ARG A 285 25.63 1.68 -21.42
N PRO A 286 24.47 2.26 -21.06
CA PRO A 286 24.50 3.55 -20.39
C PRO A 286 25.08 3.38 -18.99
N ASP A 287 25.71 4.42 -18.46
CA ASP A 287 26.08 4.46 -17.05
C ASP A 287 24.85 4.80 -16.22
N ILE A 288 24.97 4.72 -14.88
CA ILE A 288 23.81 4.92 -14.01
C ILE A 288 23.20 6.34 -14.08
N LYS A 289 24.03 7.34 -14.35
CA LYS A 289 23.53 8.71 -14.52
C LYS A 289 22.54 8.80 -15.68
N LYS A 290 22.90 8.19 -16.82
CA LYS A 290 22.02 8.18 -17.99
C LYS A 290 20.73 7.40 -17.68
N VAL A 291 20.88 6.28 -16.98
CA VAL A 291 19.72 5.45 -16.59
C VAL A 291 18.77 6.26 -15.70
N GLN A 292 19.33 6.98 -14.74
CA GLN A 292 18.61 7.89 -13.86
C GLN A 292 17.80 8.94 -14.63
N GLN A 293 18.47 9.59 -15.59
CA GLN A 293 17.86 10.63 -16.43
C GLN A 293 16.72 10.08 -17.26
N LEU A 294 16.96 8.93 -17.89
CA LEU A 294 15.98 8.29 -18.74
C LEU A 294 14.72 7.88 -17.98
N LEU A 295 14.89 7.40 -16.73
CA LEU A 295 13.76 7.04 -15.88
C LEU A 295 12.99 8.27 -15.39
N GLN A 296 13.71 9.39 -15.25
CA GLN A 296 13.10 10.67 -14.94
C GLN A 296 12.22 11.18 -16.08
N GLU A 297 12.74 11.10 -17.30
CA GLU A 297 12.04 11.59 -18.50
C GLU A 297 10.82 10.76 -18.86
N MET A 298 10.85 9.47 -18.51
CA MET A 298 9.71 8.55 -18.65
C MET A 298 8.54 9.03 -17.79
N THR A 299 8.88 9.60 -16.65
CA THR A 299 7.93 10.13 -15.70
C THR A 299 7.58 11.57 -16.03
N ARG B 5 -22.06 -22.35 7.49
CA ARG B 5 -22.45 -20.99 7.97
C ARG B 5 -21.37 -20.45 8.91
N PHE B 6 -21.72 -20.17 10.16
CA PHE B 6 -20.75 -19.71 11.15
C PHE B 6 -20.21 -20.89 11.96
N HIS B 7 -18.91 -20.90 12.16
CA HIS B 7 -18.26 -21.91 13.00
C HIS B 7 -18.60 -21.64 14.46
N SER B 8 -19.14 -22.65 15.13
CA SER B 8 -19.37 -22.57 16.56
C SER B 8 -18.08 -22.95 17.28
N PHE B 9 -17.50 -22.00 18.01
CA PHE B 9 -16.31 -22.23 18.81
C PHE B 9 -16.66 -22.42 20.28
N SER B 10 -15.85 -23.21 20.98
CA SER B 10 -15.84 -23.18 22.43
C SER B 10 -14.85 -22.10 22.85
N PHE B 11 -14.99 -21.61 24.07
CA PHE B 11 -14.11 -20.59 24.61
C PHE B 11 -12.67 -21.08 24.74
N TYR B 12 -12.50 -22.37 25.04
CA TYR B 12 -11.18 -22.98 25.14
C TYR B 12 -10.47 -23.01 23.79
N GLU B 13 -11.21 -23.34 22.73
CA GLU B 13 -10.67 -23.24 21.37
C GLU B 13 -10.14 -21.83 21.11
N LEU B 14 -10.93 -20.82 21.46
CA LEU B 14 -10.51 -19.43 21.28
C LEU B 14 -9.35 -19.02 22.18
N LYS B 15 -9.19 -19.69 23.33
CA LYS B 15 -8.00 -19.56 24.16
C LYS B 15 -6.77 -20.04 23.40
N ASN B 16 -6.91 -21.18 22.73
CA ASN B 16 -5.86 -21.77 21.90
C ASN B 16 -5.62 -20.99 20.61
N VAL B 17 -6.61 -20.19 20.21
CA VAL B 17 -6.50 -19.33 19.04
C VAL B 17 -5.64 -18.07 19.31
N THR B 18 -5.73 -17.55 20.52
CA THR B 18 -5.23 -16.21 20.84
C THR B 18 -4.05 -16.14 21.82
N ASN B 19 -3.26 -17.21 21.90
CA ASN B 19 -2.18 -17.31 22.91
C ASN B 19 -2.73 -17.00 24.32
N ASN B 20 -3.86 -17.62 24.64
CA ASN B 20 -4.62 -17.37 25.87
C ASN B 20 -4.93 -15.89 26.09
N PHE B 21 -5.59 -15.28 25.09
CA PHE B 21 -6.00 -13.87 25.11
C PHE B 21 -4.90 -12.93 25.62
N ASP B 22 -3.74 -12.99 24.97
CA ASP B 22 -2.57 -12.18 25.31
C ASP B 22 -2.82 -10.70 25.09
N GLU B 23 -2.28 -9.87 25.98
CA GLU B 23 -2.46 -8.41 25.92
C GLU B 23 -1.21 -7.65 25.43
N ARG B 24 -0.29 -8.37 24.80
CA ARG B 24 0.94 -7.76 24.29
C ARG B 24 0.72 -7.03 22.95
N PRO B 25 1.46 -5.93 22.72
CA PRO B 25 1.31 -5.14 21.49
C PRO B 25 1.90 -5.80 20.23
N ILE B 26 2.72 -5.05 19.49
CA ILE B 26 3.24 -5.50 18.19
C ILE B 26 4.62 -6.16 18.32
N SER B 27 4.72 -7.11 19.26
CA SER B 27 5.97 -7.83 19.50
C SER B 27 5.78 -9.35 19.33
N GLY B 30 1.76 -9.96 19.21
CA GLY B 30 1.47 -10.22 20.62
C GLY B 30 -0.01 -10.32 20.92
N ASN B 31 -0.81 -10.52 19.87
CA ASN B 31 -2.26 -10.70 19.95
C ASN B 31 -3.09 -9.42 20.07
N LYS B 32 -2.87 -8.62 21.11
CA LYS B 32 -3.61 -7.37 21.30
C LYS B 32 -3.39 -6.41 20.13
N MET B 33 -4.49 -5.93 19.55
CA MET B 33 -4.45 -5.07 18.37
C MET B 33 -5.33 -3.83 18.48
N GLY B 34 -6.29 -3.85 19.41
CA GLY B 34 -7.17 -2.70 19.61
C GLY B 34 -8.30 -2.98 20.59
N GLU B 35 -8.99 -1.91 21.01
CA GLU B 35 -10.10 -2.00 21.96
C GLU B 35 -11.10 -0.85 21.79
N GLY B 39 -15.07 -4.55 24.42
CA GLY B 39 -14.07 -5.61 24.58
C GLY B 39 -12.84 -5.45 23.71
N VAL B 40 -11.71 -5.99 24.17
CA VAL B 40 -10.43 -5.92 23.45
C VAL B 40 -10.45 -6.91 22.27
N VAL B 41 -9.71 -6.57 21.21
CA VAL B 41 -9.66 -7.38 19.99
C VAL B 41 -8.28 -8.01 19.81
N TYR B 42 -8.28 -9.30 19.51
CA TYR B 42 -7.04 -10.09 19.49
C TYR B 42 -6.75 -10.69 18.13
N LYS B 43 -5.49 -10.59 17.70
CA LYS B 43 -5.01 -11.31 16.54
C LYS B 43 -4.85 -12.79 16.94
N GLY B 44 -5.32 -13.68 16.09
CA GLY B 44 -5.28 -15.11 16.35
C GLY B 44 -5.14 -15.92 15.08
N TYR B 45 -5.06 -17.24 15.22
CA TYR B 45 -4.90 -18.13 14.07
C TYR B 45 -5.79 -19.35 14.21
N VAL B 46 -6.60 -19.60 13.18
CA VAL B 46 -7.33 -20.87 13.03
C VAL B 46 -6.80 -21.52 11.77
N ASN B 47 -6.09 -22.63 11.95
CA ASN B 47 -5.24 -23.21 10.91
C ASN B 47 -4.26 -22.15 10.42
N ASN B 48 -4.34 -21.77 9.14
CA ASN B 48 -3.52 -20.68 8.64
C ASN B 48 -4.29 -19.40 8.36
N THR B 49 -5.55 -19.37 8.79
CA THR B 49 -6.37 -18.17 8.70
C THR B 49 -6.10 -17.26 9.89
N THR B 50 -5.70 -16.02 9.61
CA THR B 50 -5.57 -15.02 10.68
C THR B 50 -6.93 -14.42 10.99
N VAL B 51 -7.24 -14.37 12.28
CA VAL B 51 -8.56 -13.94 12.71
C VAL B 51 -8.46 -12.79 13.67
N ALA B 52 -9.56 -12.04 13.78
CA ALA B 52 -9.73 -11.05 14.83
C ALA B 52 -10.75 -11.61 15.80
N VAL B 53 -10.34 -11.79 17.05
CA VAL B 53 -11.24 -12.29 18.09
C VAL B 53 -11.61 -11.15 19.02
N LYS B 54 -12.91 -10.89 19.10
CA LYS B 54 -13.42 -9.82 19.93
C LYS B 54 -14.05 -10.45 21.17
N LYS B 55 -13.33 -10.39 22.28
CA LYS B 55 -13.82 -10.86 23.57
C LYS B 55 -14.49 -9.70 24.29
N LEU B 56 -15.81 -9.76 24.40
CA LEU B 56 -16.60 -8.63 24.90
C LEU B 56 -16.44 -8.40 26.40
N ALA B 57 -16.20 -7.15 26.77
CA ALA B 57 -16.12 -6.72 28.17
C ALA B 57 -17.03 -5.53 28.42
N THR B 64 -25.79 -6.80 32.95
CA THR B 64 -24.85 -7.45 32.03
C THR B 64 -25.59 -8.26 30.95
N GLU B 65 -26.65 -7.67 30.41
CA GLU B 65 -27.49 -8.32 29.40
C GLU B 65 -27.60 -7.49 28.12
N GLU B 66 -27.17 -6.24 28.19
CA GLU B 66 -27.16 -5.36 27.03
C GLU B 66 -25.96 -5.65 26.12
N LEU B 67 -24.89 -6.18 26.72
CA LEU B 67 -23.71 -6.63 25.96
C LEU B 67 -24.01 -7.95 25.23
N LYS B 68 -24.97 -8.71 25.77
CA LYS B 68 -25.47 -9.92 25.14
C LYS B 68 -26.31 -9.62 23.91
N GLN B 69 -27.17 -8.61 24.01
CA GLN B 69 -28.06 -8.23 22.92
C GLN B 69 -27.32 -7.64 21.73
N GLN B 70 -26.23 -6.92 22.00
CA GLN B 70 -25.35 -6.42 20.95
C GLN B 70 -24.55 -7.57 20.33
N PHE B 71 -24.27 -8.60 21.13
CA PHE B 71 -23.62 -9.83 20.66
C PHE B 71 -24.54 -10.56 19.67
N ASP B 72 -25.77 -10.83 20.11
CA ASP B 72 -26.76 -11.51 19.29
C ASP B 72 -27.10 -10.72 18.03
N GLN B 73 -27.18 -9.39 18.17
CA GLN B 73 -27.47 -8.50 17.04
C GLN B 73 -26.38 -8.57 15.97
N GLU B 74 -25.12 -8.50 16.40
CA GLU B 74 -23.97 -8.66 15.51
C GLU B 74 -24.08 -9.94 14.68
N ILE B 75 -24.44 -11.04 15.33
CA ILE B 75 -24.59 -12.35 14.67
C ILE B 75 -25.77 -12.38 13.71
N LYS B 76 -26.87 -11.74 14.09
CA LYS B 76 -28.10 -11.76 13.30
C LYS B 76 -27.93 -11.00 11.98
N VAL B 77 -27.27 -9.84 12.04
CA VAL B 77 -26.99 -9.01 10.87
C VAL B 77 -25.97 -9.70 9.95
N MET B 78 -24.92 -10.25 10.55
CA MET B 78 -23.86 -10.93 9.80
C MET B 78 -24.34 -12.19 9.07
N ALA B 79 -25.40 -12.81 9.59
CA ALA B 79 -25.99 -13.98 8.95
C ALA B 79 -26.60 -13.67 7.58
N LYS B 80 -27.31 -12.55 7.49
CA LYS B 80 -27.98 -12.19 6.24
C LYS B 80 -27.21 -11.16 5.40
N CYS B 81 -26.09 -10.67 5.93
CA CYS B 81 -25.27 -9.69 5.23
C CYS B 81 -23.87 -10.19 4.93
N GLN B 82 -23.66 -10.64 3.69
CA GLN B 82 -22.33 -10.93 3.17
C GLN B 82 -22.10 -10.04 1.97
N HIS B 83 -20.99 -9.31 1.99
CA HIS B 83 -20.63 -8.37 0.95
C HIS B 83 -19.14 -8.05 1.10
N GLU B 84 -18.46 -7.83 -0.02
CA GLU B 84 -17.03 -7.54 -0.03
C GLU B 84 -16.64 -6.31 0.80
N ASN B 85 -17.59 -5.38 0.98
CA ASN B 85 -17.33 -4.17 1.75
C ASN B 85 -17.90 -4.21 3.17
N LEU B 86 -18.17 -5.42 3.66
CA LEU B 86 -18.51 -5.66 5.07
C LEU B 86 -17.55 -6.67 5.67
N VAL B 87 -17.16 -6.47 6.93
CA VAL B 87 -16.34 -7.47 7.62
C VAL B 87 -17.08 -8.79 7.66
N GLU B 88 -16.35 -9.89 7.53
CA GLU B 88 -16.95 -11.20 7.54
C GLU B 88 -16.78 -11.82 8.91
N LEU B 89 -17.91 -12.19 9.53
CA LEU B 89 -17.89 -12.97 10.77
C LEU B 89 -17.69 -14.42 10.39
N LEU B 90 -16.69 -15.04 10.99
CA LEU B 90 -16.41 -16.46 10.75
C LEU B 90 -17.11 -17.38 11.76
N GLY B 91 -17.27 -16.89 12.98
CA GLY B 91 -17.88 -17.69 14.03
C GLY B 91 -18.01 -16.97 15.36
N PHE B 92 -18.42 -17.75 16.37
CA PHE B 92 -18.77 -17.21 17.68
C PHE B 92 -18.63 -18.29 18.76
N SER B 93 -18.51 -17.85 20.01
CA SER B 93 -18.64 -18.74 21.17
C SER B 93 -19.59 -18.14 22.19
N SER B 94 -20.62 -18.91 22.55
CA SER B 94 -21.64 -18.46 23.51
C SER B 94 -21.40 -18.97 24.93
N ASP B 95 -20.36 -19.78 25.11
CA ASP B 95 -19.97 -20.30 26.43
C ASP B 95 -18.61 -19.73 26.84
N GLY B 96 -18.14 -20.11 28.04
CA GLY B 96 -16.83 -19.68 28.53
C GLY B 96 -16.94 -18.47 29.44
N ASP B 97 -16.17 -17.41 29.14
CA ASP B 97 -16.41 -16.11 29.73
C ASP B 97 -17.74 -15.59 29.16
N ASP B 98 -18.10 -16.16 28.01
CA ASP B 98 -19.46 -16.19 27.46
C ASP B 98 -19.63 -15.57 26.07
N LEU B 99 -18.95 -14.46 25.79
CA LEU B 99 -19.18 -13.74 24.54
C LEU B 99 -17.92 -13.37 23.75
N CYS B 100 -17.77 -14.03 22.61
CA CYS B 100 -16.67 -13.79 21.68
C CYS B 100 -17.17 -13.81 20.24
N LEU B 101 -16.59 -12.93 19.41
CA LEU B 101 -16.90 -12.89 17.99
C LEU B 101 -15.61 -13.00 17.18
N VAL B 102 -15.64 -13.88 16.18
CA VAL B 102 -14.45 -14.19 15.37
C VAL B 102 -14.64 -13.71 13.93
N TYR B 103 -13.76 -12.82 13.49
CA TYR B 103 -13.82 -12.22 12.15
C TYR B 103 -12.57 -12.53 11.36
N VAL B 104 -12.65 -12.37 10.04
CA VAL B 104 -11.47 -12.31 9.18
C VAL B 104 -10.63 -11.10 9.62
N TYR B 105 -9.32 -11.33 9.77
CA TYR B 105 -8.39 -10.27 10.17
C TYR B 105 -8.18 -9.26 9.04
N MET B 106 -8.20 -7.97 9.39
CA MET B 106 -7.94 -6.89 8.43
C MET B 106 -6.61 -6.21 8.78
N PRO B 107 -5.53 -6.54 8.05
CA PRO B 107 -4.17 -6.09 8.34
C PRO B 107 -3.92 -4.58 8.34
N ASN B 108 -4.79 -3.79 7.71
CA ASN B 108 -4.48 -2.35 7.63
C ASN B 108 -5.27 -1.44 8.56
N GLY B 109 -5.94 -2.06 9.52
CA GLY B 109 -6.63 -1.37 10.58
C GLY B 109 -7.80 -0.53 10.11
N SER B 110 -8.08 0.54 10.84
CA SER B 110 -9.22 1.37 10.55
C SER B 110 -8.81 2.54 9.69
N LEU B 111 -9.77 3.05 8.92
CA LEU B 111 -9.60 4.28 8.20
C LEU B 111 -9.10 5.41 9.11
N LEU B 112 -9.65 5.49 10.32
CA LEU B 112 -9.27 6.55 11.27
C LEU B 112 -7.75 6.55 11.51
N ASP B 113 -7.23 5.38 11.87
CA ASP B 113 -5.79 5.21 12.11
C ASP B 113 -4.92 5.47 10.87
N ARG B 114 -5.41 5.11 9.69
CA ARG B 114 -4.63 5.37 8.47
C ARG B 114 -4.68 6.84 8.08
N LEU B 115 -5.78 7.51 8.39
CA LEU B 115 -5.86 8.95 8.18
C LEU B 115 -4.94 9.73 9.13
N SER B 116 -4.76 9.25 10.36
CA SER B 116 -3.84 9.90 11.32
C SER B 116 -2.40 9.38 11.19
N CYS B 117 -2.17 8.45 10.28
CA CYS B 117 -0.87 7.79 10.10
C CYS B 117 -0.31 7.17 11.38
N LEU B 118 -1.22 6.56 12.17
CA LEU B 118 -0.85 5.87 13.40
C LEU B 118 0.30 4.89 13.17
N ASP B 119 1.28 4.92 14.05
CA ASP B 119 2.39 3.97 14.05
C ASP B 119 3.25 4.01 12.78
N GLY B 120 3.32 5.17 12.14
CA GLY B 120 4.28 5.38 11.06
C GLY B 120 3.89 4.96 9.66
N THR B 121 2.59 4.75 9.42
CA THR B 121 2.14 4.35 8.10
C THR B 121 2.12 5.57 7.17
N PRO B 122 2.40 5.35 5.87
CA PRO B 122 2.37 6.48 4.95
C PRO B 122 0.95 7.04 4.76
N PRO B 123 0.84 8.35 4.52
CA PRO B 123 -0.46 8.96 4.22
C PRO B 123 -1.11 8.26 3.04
N LEU B 124 -2.43 8.10 3.11
CA LEU B 124 -3.18 7.52 2.00
C LEU B 124 -3.22 8.50 0.85
N SER B 125 -2.97 8.00 -0.35
CA SER B 125 -3.05 8.83 -1.56
C SER B 125 -4.50 9.23 -1.85
N TRP B 126 -4.67 10.29 -2.64
CA TRP B 126 -6.00 10.70 -3.07
C TRP B 126 -6.70 9.58 -3.85
N HIS B 127 -5.95 8.90 -4.72
CA HIS B 127 -6.50 7.80 -5.50
C HIS B 127 -7.05 6.69 -4.60
N MET B 128 -6.26 6.28 -3.61
CA MET B 128 -6.70 5.28 -2.64
C MET B 128 -7.92 5.76 -1.85
N ARG B 129 -7.92 7.03 -1.46
CA ARG B 129 -9.03 7.61 -0.69
C ARG B 129 -10.37 7.53 -1.45
N CYS B 130 -10.32 7.78 -2.77
CA CYS B 130 -11.51 7.65 -3.60
C CYS B 130 -12.04 6.22 -3.64
N LYS B 131 -11.13 5.25 -3.80
CA LYS B 131 -11.50 3.85 -3.78
C LYS B 131 -12.17 3.45 -2.46
N ILE B 132 -11.60 3.91 -1.36
CA ILE B 132 -12.10 3.66 -0.01
C ILE B 132 -13.48 4.29 0.21
N ALA B 133 -13.66 5.52 -0.30
CA ALA B 133 -14.95 6.20 -0.24
C ALA B 133 -15.99 5.41 -1.01
N GLN B 134 -15.61 4.91 -2.19
CA GLN B 134 -16.47 4.12 -3.07
C GLN B 134 -16.83 2.79 -2.42
N GLY B 135 -15.81 2.10 -1.88
CA GLY B 135 -16.02 0.85 -1.15
C GLY B 135 -16.98 0.96 0.01
N ALA B 136 -16.76 1.94 0.88
CA ALA B 136 -17.64 2.17 2.03
C ALA B 136 -19.08 2.42 1.61
N ALA B 137 -19.28 3.24 0.58
CA ALA B 137 -20.62 3.57 0.09
C ALA B 137 -21.32 2.32 -0.46
N ASN B 138 -20.54 1.44 -1.10
CA ASN B 138 -21.03 0.13 -1.54
C ASN B 138 -21.47 -0.76 -0.37
N GLY B 139 -20.71 -0.72 0.72
CA GLY B 139 -21.06 -1.43 1.93
C GLY B 139 -22.36 -0.93 2.54
N ILE B 140 -22.49 0.38 2.68
CA ILE B 140 -23.70 1.00 3.22
C ILE B 140 -24.90 0.73 2.30
N ASN B 141 -24.68 0.82 0.99
CA ASN B 141 -25.74 0.47 0.03
C ASN B 141 -26.31 -0.93 0.25
N PHE B 142 -25.44 -1.91 0.37
CA PHE B 142 -25.86 -3.28 0.62
C PHE B 142 -26.70 -3.40 1.91
N LEU B 143 -26.24 -2.77 2.98
CA LEU B 143 -26.98 -2.73 4.25
C LEU B 143 -28.38 -2.14 4.09
N HIS B 144 -28.46 -1.00 3.43
CA HIS B 144 -29.73 -0.30 3.25
C HIS B 144 -30.64 -1.08 2.29
N GLU B 145 -30.05 -1.68 1.24
CA GLU B 145 -30.79 -2.56 0.33
C GLU B 145 -31.44 -3.71 1.09
N ASN B 146 -30.75 -4.15 2.15
CA ASN B 146 -31.23 -5.23 3.01
C ASN B 146 -31.91 -4.74 4.29
N HIS B 147 -32.36 -3.50 4.25
CA HIS B 147 -33.20 -2.92 5.29
C HIS B 147 -32.53 -2.95 6.67
N HIS B 148 -31.24 -2.65 6.69
CA HIS B 148 -30.52 -2.44 7.95
C HIS B 148 -30.02 -1.01 8.08
N ILE B 149 -30.12 -0.47 9.29
CA ILE B 149 -29.55 0.82 9.63
C ILE B 149 -28.39 0.55 10.58
N HIS B 150 -27.21 1.04 10.25
CA HIS B 150 -25.99 0.72 10.99
C HIS B 150 -25.93 1.44 12.33
N ARG B 151 -26.22 2.74 12.31
CA ARG B 151 -26.30 3.62 13.50
C ARG B 151 -24.96 4.10 14.07
N ASP B 152 -23.84 3.59 13.56
CA ASP B 152 -22.54 4.09 14.02
C ASP B 152 -21.48 4.13 12.91
N ILE B 153 -21.83 4.78 11.80
CA ILE B 153 -20.92 4.97 10.69
C ILE B 153 -19.88 6.04 11.05
N LYS B 154 -18.62 5.65 10.97
CA LYS B 154 -17.50 6.52 11.34
C LYS B 154 -16.22 5.85 10.85
N SER B 155 -15.14 6.63 10.71
CA SER B 155 -13.88 6.11 10.18
C SER B 155 -13.23 5.03 11.06
N ALA B 156 -13.49 5.08 12.37
CA ALA B 156 -13.08 4.01 13.27
C ALA B 156 -13.77 2.67 12.94
N ASN B 157 -14.95 2.72 12.33
CA ASN B 157 -15.69 1.52 11.95
C ASN B 157 -15.62 1.18 10.47
N ILE B 158 -14.58 1.67 9.81
CA ILE B 158 -14.29 1.28 8.45
C ILE B 158 -12.89 0.67 8.50
N LEU B 159 -12.82 -0.64 8.32
CA LEU B 159 -11.54 -1.34 8.38
C LEU B 159 -10.98 -1.53 6.98
N LEU B 160 -9.68 -1.78 6.93
CA LEU B 160 -8.97 -1.92 5.66
C LEU B 160 -8.22 -3.24 5.58
N ASP B 161 -8.45 -3.99 4.51
CA ASP B 161 -7.73 -5.26 4.33
C ASP B 161 -6.36 -5.02 3.68
N GLU B 162 -5.66 -6.10 3.35
CA GLU B 162 -4.30 -6.01 2.80
C GLU B 162 -4.27 -5.12 1.54
N ALA B 163 -5.35 -5.16 0.77
CA ALA B 163 -5.47 -4.36 -0.45
C ALA B 163 -6.12 -2.98 -0.22
N PHE B 164 -6.40 -2.66 1.04
CA PHE B 164 -7.06 -1.40 1.43
C PHE B 164 -8.52 -1.31 0.97
N THR B 165 -9.15 -2.48 0.77
CA THR B 165 -10.59 -2.55 0.53
C THR B 165 -11.32 -2.14 1.82
N ALA B 166 -12.30 -1.24 1.69
CA ALA B 166 -13.09 -0.78 2.84
C ALA B 166 -14.03 -1.86 3.33
N LYS B 167 -14.04 -2.07 4.64
CA LYS B 167 -14.93 -3.03 5.28
C LYS B 167 -15.69 -2.33 6.40
N ILE B 168 -17.00 -2.17 6.23
CA ILE B 168 -17.86 -1.68 7.31
C ILE B 168 -17.88 -2.72 8.44
N SER B 169 -17.67 -2.28 9.68
CA SER B 169 -17.72 -3.19 10.82
C SER B 169 -18.61 -2.64 11.94
N ASP B 170 -18.76 -3.43 13.00
N ASP B 170 -18.77 -3.43 12.99
CA ASP B 170 -19.56 -3.13 14.20
CA ASP B 170 -19.57 -3.09 14.18
C ASP B 170 -21.04 -2.93 13.89
C ASP B 170 -21.05 -2.92 13.89
N PHE B 171 -21.77 -4.04 13.93
CA PHE B 171 -23.20 -4.07 13.66
C PHE B 171 -23.98 -4.29 14.96
N GLY B 172 -23.31 -4.03 16.09
CA GLY B 172 -23.89 -4.23 17.42
C GLY B 172 -25.12 -3.39 17.66
N LEU B 173 -25.14 -2.21 17.04
CA LEU B 173 -26.25 -1.25 17.20
C LEU B 173 -27.22 -1.24 16.01
N ALA B 174 -26.88 -2.00 14.97
CA ALA B 174 -27.69 -2.05 13.73
C ALA B 174 -29.15 -2.42 13.96
N ARG B 175 -30.05 -1.79 13.19
CA ARG B 175 -31.50 -2.04 13.27
C ARG B 175 -32.10 -2.37 11.89
N ALA B 176 -33.21 -3.10 11.88
CA ALA B 176 -33.91 -3.44 10.64
C ALA B 176 -35.02 -2.44 10.32
N SER B 177 -34.90 -1.75 9.18
CA SER B 177 -35.84 -0.69 8.79
C SER B 177 -37.08 -1.19 8.05
N GLU B 178 -38.24 -0.70 8.50
CA GLU B 178 -39.53 -1.14 7.94
C GLU B 178 -40.30 0.04 7.35
N VAL B 184 -39.58 6.18 13.05
CA VAL B 184 -39.29 5.44 14.28
C VAL B 184 -38.50 6.33 15.25
N MET B 185 -38.90 6.29 16.52
CA MET B 185 -38.12 6.92 17.60
C MET B 185 -37.74 5.90 18.69
N ARG B 188 -33.55 5.17 23.63
CA ARG B 188 -32.13 4.92 23.91
C ARG B 188 -31.28 5.39 22.74
N ILE B 189 -30.85 6.65 22.81
CA ILE B 189 -30.10 7.29 21.73
C ILE B 189 -28.64 6.82 21.74
N VAL B 190 -28.27 6.08 20.69
CA VAL B 190 -26.91 5.57 20.55
C VAL B 190 -26.22 6.14 19.31
N GLY B 191 -24.90 6.01 19.27
CA GLY B 191 -24.10 6.53 18.17
C GLY B 191 -22.96 7.38 18.71
N THR B 192 -22.20 7.98 17.79
CA THR B 192 -21.07 8.82 18.15
C THR B 192 -21.41 10.26 17.77
N THR B 193 -21.49 11.11 18.81
CA THR B 193 -22.04 12.46 18.71
C THR B 193 -21.54 13.26 17.51
N ALA B 194 -20.22 13.29 17.34
CA ALA B 194 -19.57 14.04 16.26
C ALA B 194 -19.96 13.63 14.85
N TYR B 195 -20.56 12.44 14.71
CA TYR B 195 -20.97 11.89 13.42
C TYR B 195 -22.49 11.88 13.24
N MET B 196 -23.23 12.28 14.26
CA MET B 196 -24.67 12.05 14.23
C MET B 196 -25.47 13.17 13.58
N ALA B 197 -26.52 12.76 12.86
CA ALA B 197 -27.51 13.66 12.31
C ALA B 197 -28.36 14.27 13.44
N PRO B 198 -28.90 15.49 13.22
CA PRO B 198 -29.72 16.12 14.26
C PRO B 198 -30.89 15.23 14.68
N GLU B 199 -31.57 14.62 13.71
CA GLU B 199 -32.70 13.75 14.01
C GLU B 199 -32.29 12.51 14.83
N ALA B 200 -31.10 11.98 14.57
CA ALA B 200 -30.55 10.88 15.35
C ALA B 200 -30.29 11.30 16.80
N LEU B 201 -29.86 12.54 16.97
CA LEU B 201 -29.62 13.09 18.30
C LEU B 201 -30.91 13.38 19.05
N ARG B 202 -32.03 13.35 18.33
CA ARG B 202 -33.35 13.58 18.92
C ARG B 202 -34.10 12.28 19.19
N GLY B 203 -33.53 11.16 18.76
CA GLY B 203 -34.11 9.83 19.05
C GLY B 203 -34.68 9.11 17.86
N GLU B 204 -34.58 9.73 16.69
CA GLU B 204 -35.12 9.17 15.45
C GLU B 204 -34.23 8.06 14.92
N ILE B 205 -34.85 7.01 14.38
CA ILE B 205 -34.12 5.91 13.76
C ILE B 205 -34.50 5.81 12.29
N THR B 206 -33.53 6.12 11.43
CA THR B 206 -33.77 6.19 9.99
C THR B 206 -32.43 6.02 9.25
N PRO B 207 -32.45 5.39 8.06
CA PRO B 207 -31.25 5.25 7.24
C PRO B 207 -30.69 6.58 6.73
N LYS B 208 -31.53 7.62 6.69
CA LYS B 208 -31.09 8.98 6.35
C LYS B 208 -29.98 9.44 7.30
N SER B 209 -29.97 8.90 8.52
CA SER B 209 -28.95 9.24 9.52
C SER B 209 -27.58 8.67 9.17
N ASP B 210 -27.55 7.45 8.64
CA ASP B 210 -26.33 6.82 8.14
C ASP B 210 -25.69 7.66 7.01
N ILE B 211 -26.54 8.26 6.18
CA ILE B 211 -26.08 9.13 5.10
C ILE B 211 -25.33 10.32 5.66
N TYR B 212 -25.90 10.95 6.69
CA TYR B 212 -25.28 12.08 7.36
C TYR B 212 -23.91 11.71 7.93
N SER B 213 -23.84 10.59 8.66
CA SER B 213 -22.58 10.10 9.24
C SER B 213 -21.52 9.85 8.16
N PHE B 214 -21.94 9.22 7.05
CA PHE B 214 -21.06 9.01 5.92
C PHE B 214 -20.49 10.33 5.38
N GLY B 215 -21.31 11.39 5.42
CA GLY B 215 -20.86 12.74 5.05
C GLY B 215 -19.70 13.22 5.89
N VAL B 216 -19.76 12.96 7.20
CA VAL B 216 -18.66 13.32 8.10
C VAL B 216 -17.39 12.54 7.73
N VAL B 217 -17.54 11.25 7.46
CA VAL B 217 -16.44 10.39 6.99
C VAL B 217 -15.78 10.96 5.73
N LEU B 218 -16.59 11.38 4.77
CA LEU B 218 -16.06 11.99 3.56
C LEU B 218 -15.24 13.24 3.84
N LEU B 219 -15.65 14.04 4.83
CA LEU B 219 -14.86 15.21 5.25
C LEU B 219 -13.56 14.81 5.91
N GLU B 220 -13.60 13.73 6.69
CA GLU B 220 -12.41 13.14 7.26
C GLU B 220 -11.44 12.70 6.18
N ILE B 221 -11.98 12.00 5.18
CA ILE B 221 -11.19 11.53 4.04
C ILE B 221 -10.52 12.68 3.27
N ILE B 222 -11.27 13.75 3.02
CA ILE B 222 -10.75 14.92 2.28
C ILE B 222 -9.69 15.70 3.07
N THR B 223 -9.95 15.93 4.35
CA THR B 223 -9.18 16.86 5.17
C THR B 223 -8.09 16.16 5.99
N GLY B 224 -8.28 14.86 6.22
CA GLY B 224 -7.41 14.08 7.10
C GLY B 224 -7.60 14.38 8.58
N LEU B 225 -8.60 15.19 8.89
CA LEU B 225 -8.86 15.61 10.25
C LEU B 225 -9.92 14.74 10.90
N PRO B 226 -9.76 14.48 12.21
CA PRO B 226 -10.76 13.71 12.94
C PRO B 226 -12.05 14.52 13.15
N ALA B 227 -13.17 13.81 13.28
CA ALA B 227 -14.49 14.40 13.38
C ALA B 227 -14.61 15.37 14.56
N VAL B 228 -13.87 15.11 15.62
CA VAL B 228 -13.82 16.01 16.77
C VAL B 228 -12.38 16.14 17.31
N ASP B 229 -12.00 17.36 17.63
CA ASP B 229 -10.71 17.67 18.23
C ASP B 229 -10.88 18.91 19.10
N GLU B 230 -10.75 18.75 20.42
CA GLU B 230 -10.85 19.88 21.35
C GLU B 230 -9.78 20.94 21.09
N HIS B 231 -8.63 20.50 20.58
CA HIS B 231 -7.49 21.40 20.30
C HIS B 231 -7.57 22.04 18.92
N ARG B 232 -8.78 22.32 18.46
CA ARG B 232 -9.01 22.76 17.09
C ARG B 232 -10.20 23.71 17.01
N GLU B 233 -10.14 24.64 16.05
CA GLU B 233 -11.27 25.49 15.72
C GLU B 233 -11.57 25.34 14.25
N PRO B 234 -12.76 24.81 13.91
CA PRO B 234 -13.76 24.42 14.90
C PRO B 234 -13.45 23.05 15.51
N GLN B 235 -14.02 22.80 16.68
CA GLN B 235 -13.79 21.56 17.40
C GLN B 235 -14.49 20.41 16.66
N LEU B 236 -15.61 20.70 16.02
CA LEU B 236 -16.38 19.71 15.27
C LEU B 236 -16.23 19.89 13.76
N LEU B 237 -15.67 18.87 13.11
CA LEU B 237 -15.38 18.90 11.68
C LEU B 237 -16.56 19.30 10.77
N LEU B 238 -17.78 18.87 11.11
CA LEU B 238 -18.95 19.18 10.27
C LEU B 238 -19.16 20.68 10.09
N ASP B 239 -18.74 21.47 11.07
CA ASP B 239 -18.92 22.92 11.05
C ASP B 239 -18.17 23.60 9.90
N ILE B 240 -17.21 22.88 9.32
CA ILE B 240 -16.46 23.34 8.15
C ILE B 240 -17.37 23.62 6.94
N LYS B 241 -18.49 22.89 6.84
CA LYS B 241 -19.47 23.12 5.78
C LYS B 241 -20.00 24.56 5.78
N GLU B 242 -20.30 25.09 6.97
CA GLU B 242 -20.80 26.46 7.11
C GLU B 242 -19.69 27.47 6.94
N GLU B 243 -18.50 27.15 7.44
CA GLU B 243 -17.32 27.97 7.25
C GLU B 243 -17.06 28.22 5.76
N ILE B 244 -17.20 27.17 4.96
CA ILE B 244 -17.00 27.22 3.52
C ILE B 244 -18.19 27.86 2.78
N GLU B 245 -19.40 27.58 3.24
CA GLU B 245 -20.61 28.21 2.67
C GLU B 245 -20.68 29.71 2.95
N ASP B 246 -20.21 30.13 4.11
CA ASP B 246 -20.12 31.55 4.47
C ASP B 246 -18.78 32.09 3.99
N GLU B 247 -18.31 31.55 2.86
CA GLU B 247 -16.96 31.73 2.30
C GLU B 247 -15.91 32.45 3.16
N GLU B 248 -15.79 32.00 4.41
CA GLU B 248 -14.69 32.42 5.28
C GLU B 248 -13.45 31.64 4.87
N LYS B 249 -13.69 30.42 4.40
CA LYS B 249 -12.66 29.46 4.01
C LYS B 249 -13.10 28.74 2.74
N THR B 250 -12.14 28.13 2.05
CA THR B 250 -12.44 27.29 0.88
C THR B 250 -12.11 25.83 1.18
N ILE B 251 -12.67 24.91 0.39
CA ILE B 251 -12.37 23.48 0.55
C ILE B 251 -10.88 23.21 0.29
N GLU B 252 -10.31 23.96 -0.66
CA GLU B 252 -8.87 23.91 -0.93
C GLU B 252 -8.03 24.25 0.29
N ASP B 253 -8.56 25.12 1.16
CA ASP B 253 -7.89 25.46 2.41
C ASP B 253 -7.88 24.29 3.39
N TYR B 254 -8.81 23.36 3.19
CA TYR B 254 -8.95 22.22 4.10
C TYR B 254 -8.46 20.88 3.56
N ILE B 255 -8.10 20.82 2.28
CA ILE B 255 -7.52 19.61 1.70
C ILE B 255 -6.34 19.14 2.55
N ASP B 256 -6.31 17.84 2.86
CA ASP B 256 -5.24 17.22 3.64
C ASP B 256 -3.89 17.56 3.00
N LYS B 257 -3.02 18.20 3.77
CA LYS B 257 -1.70 18.59 3.27
C LYS B 257 -0.78 17.37 3.11
N LYS B 258 -1.14 16.27 3.76
CA LYS B 258 -0.37 15.03 3.67
C LYS B 258 -0.55 14.26 2.35
N MET B 259 -1.33 14.81 1.42
CA MET B 259 -1.42 14.24 0.07
C MET B 259 -0.59 15.04 -0.91
N ASN B 260 -0.24 14.41 -2.04
CA ASN B 260 0.33 15.19 -3.15
C ASN B 260 -0.34 14.94 -4.51
N ASP B 261 -1.24 13.96 -4.56
CA ASP B 261 -1.89 13.54 -5.80
C ASP B 261 -3.37 13.89 -5.91
N ALA B 262 -3.82 14.89 -5.15
CA ALA B 262 -5.22 15.31 -5.18
C ALA B 262 -5.44 16.40 -6.22
N ASP B 263 -6.26 16.11 -7.23
CA ASP B 263 -6.66 17.15 -8.16
C ASP B 263 -7.93 17.85 -7.67
N SER B 264 -7.94 19.18 -7.83
CA SER B 264 -9.01 20.06 -7.36
C SER B 264 -10.42 19.63 -7.76
N THR B 265 -10.60 19.27 -9.02
CA THR B 265 -11.91 18.91 -9.55
C THR B 265 -12.49 17.70 -8.81
N SER B 266 -11.67 16.66 -8.66
CA SER B 266 -12.06 15.44 -7.96
C SER B 266 -12.39 15.69 -6.49
N VAL B 267 -11.58 16.51 -5.84
CA VAL B 267 -11.77 16.88 -4.43
C VAL B 267 -13.07 17.67 -4.25
N GLU B 268 -13.32 18.62 -5.15
CA GLU B 268 -14.56 19.38 -5.12
C GLU B 268 -15.76 18.47 -5.37
N ALA B 269 -15.55 17.45 -6.20
CA ALA B 269 -16.59 16.45 -6.47
C ALA B 269 -16.94 15.64 -5.21
N MET B 270 -15.93 15.23 -4.46
CA MET B 270 -16.19 14.50 -3.21
C MET B 270 -16.80 15.44 -2.16
N TYR B 271 -16.39 16.70 -2.16
CA TYR B 271 -16.93 17.66 -1.20
C TYR B 271 -18.41 17.94 -1.47
N SER B 272 -18.78 18.01 -2.74
CA SER B 272 -20.18 18.18 -3.14
C SER B 272 -21.06 17.06 -2.59
N VAL B 273 -20.58 15.83 -2.67
CA VAL B 273 -21.29 14.67 -2.11
C VAL B 273 -21.43 14.79 -0.59
N ALA B 274 -20.29 15.05 0.07
CA ALA B 274 -20.25 15.28 1.52
C ALA B 274 -21.24 16.37 1.92
N SER B 275 -21.22 17.48 1.19
CA SER B 275 -22.09 18.63 1.49
C SER B 275 -23.57 18.27 1.42
N GLN B 276 -23.94 17.43 0.45
CA GLN B 276 -25.32 16.95 0.28
C GLN B 276 -25.74 15.99 1.41
N CYS B 277 -24.83 15.11 1.80
CA CYS B 277 -25.05 14.14 2.86
C CYS B 277 -25.28 14.83 4.19
N LEU B 278 -24.60 15.96 4.37
CA LEU B 278 -24.61 16.74 5.61
C LEU B 278 -25.77 17.72 5.74
N HIS B 279 -26.73 17.63 4.82
CA HIS B 279 -27.93 18.45 4.89
C HIS B 279 -28.66 18.20 6.21
N GLU B 280 -29.00 19.28 6.92
CA GLU B 280 -29.63 19.19 8.24
C GLU B 280 -31.04 18.61 8.20
N LYS B 281 -31.77 18.90 7.12
CA LYS B 281 -33.10 18.30 6.89
C LYS B 281 -32.94 16.91 6.30
N LYS B 282 -33.24 15.88 7.10
CA LYS B 282 -33.07 14.49 6.68
C LYS B 282 -33.61 14.18 5.28
N ASN B 283 -34.78 14.73 4.96
CA ASN B 283 -35.45 14.46 3.69
C ASN B 283 -34.78 15.10 2.48
N LYS B 284 -33.90 16.07 2.74
CA LYS B 284 -33.18 16.75 1.66
C LYS B 284 -31.83 16.11 1.32
N ARG B 285 -31.44 15.08 2.06
CA ARG B 285 -30.23 14.32 1.77
C ARG B 285 -30.46 13.33 0.62
N PRO B 286 -29.41 13.02 -0.16
CA PRO B 286 -29.52 11.92 -1.12
C PRO B 286 -29.58 10.58 -0.39
N ASP B 287 -30.19 9.58 -1.01
CA ASP B 287 -30.11 8.22 -0.49
C ASP B 287 -28.76 7.60 -0.88
N ILE B 288 -28.45 6.43 -0.35
CA ILE B 288 -27.13 5.84 -0.55
C ILE B 288 -26.87 5.46 -2.02
N LYS B 289 -27.93 5.08 -2.73
CA LYS B 289 -27.83 4.77 -4.16
C LYS B 289 -27.30 5.97 -4.94
N LYS B 290 -27.83 7.16 -4.64
CA LYS B 290 -27.35 8.40 -5.28
C LYS B 290 -25.90 8.72 -4.89
N VAL B 291 -25.59 8.56 -3.61
CA VAL B 291 -24.22 8.77 -3.11
C VAL B 291 -23.25 7.91 -3.90
N GLN B 292 -23.57 6.61 -3.97
CA GLN B 292 -22.78 5.62 -4.66
C GLN B 292 -22.55 6.06 -6.10
N GLN B 293 -23.63 6.43 -6.80
CA GLN B 293 -23.57 6.93 -8.18
C GLN B 293 -22.67 8.16 -8.32
N LEU B 294 -22.84 9.12 -7.43
CA LEU B 294 -22.04 10.35 -7.46
C LEU B 294 -20.54 10.11 -7.25
N LEU B 295 -20.21 9.17 -6.35
CA LEU B 295 -18.80 8.83 -6.10
C LEU B 295 -18.21 8.04 -7.27
N GLN B 296 -19.06 7.31 -7.99
CA GLN B 296 -18.64 6.61 -9.21
C GLN B 296 -18.34 7.58 -10.36
N GLU B 297 -19.22 8.55 -10.56
CA GLU B 297 -19.02 9.60 -11.58
C GLU B 297 -17.73 10.36 -11.31
N MET B 298 -17.42 10.54 -10.02
CA MET B 298 -16.26 11.30 -9.54
C MET B 298 -14.92 10.85 -10.13
N THR B 299 -14.71 9.54 -10.23
CA THR B 299 -13.45 9.03 -10.78
C THR B 299 -13.60 8.58 -12.24
N ALA B 300 -14.83 8.63 -12.74
CA ALA B 300 -15.10 8.31 -14.14
C ALA B 300 -14.64 9.45 -15.05
N SER C 2 34.29 23.60 -10.40
CA SER C 2 32.80 23.74 -10.31
C SER C 2 32.30 23.37 -8.91
N ASP C 3 32.82 22.27 -8.37
CA ASP C 3 32.51 21.86 -7.00
C ASP C 3 33.35 22.61 -5.97
N THR C 4 34.43 23.24 -6.42
CA THR C 4 35.42 23.82 -5.52
C THR C 4 35.42 25.36 -5.50
N ARG C 5 34.52 25.96 -6.27
CA ARG C 5 34.42 27.42 -6.34
C ARG C 5 32.98 27.91 -6.16
N PHE C 6 32.83 29.10 -5.59
CA PHE C 6 31.55 29.81 -5.61
C PHE C 6 31.36 30.34 -7.01
N HIS C 7 30.13 30.34 -7.49
CA HIS C 7 29.83 30.86 -8.83
C HIS C 7 29.18 32.23 -8.75
N SER C 8 29.41 33.03 -9.78
CA SER C 8 28.64 34.25 -9.99
C SER C 8 27.66 33.88 -11.08
N PHE C 9 26.36 34.01 -10.77
CA PHE C 9 25.31 33.61 -11.70
C PHE C 9 24.68 34.82 -12.38
N SER C 10 24.33 34.65 -13.66
CA SER C 10 23.54 35.67 -14.35
C SER C 10 22.11 35.63 -13.84
N PHE C 11 21.55 36.82 -13.60
CA PHE C 11 20.17 36.97 -13.14
C PHE C 11 19.18 36.23 -14.03
N TYR C 12 19.45 36.22 -15.33
CA TYR C 12 18.56 35.63 -16.31
C TYR C 12 18.55 34.10 -16.31
N GLU C 13 19.69 33.48 -16.04
CA GLU C 13 19.74 32.01 -15.94
C GLU C 13 18.88 31.55 -14.77
N LEU C 14 19.01 32.23 -13.64
CA LEU C 14 18.22 31.93 -12.44
C LEU C 14 16.73 32.19 -12.70
N LYS C 15 16.45 33.29 -13.38
CA LYS C 15 15.09 33.61 -13.83
C LYS C 15 14.57 32.48 -14.73
N ASN C 16 15.39 32.07 -15.70
CA ASN C 16 15.04 31.00 -16.62
C ASN C 16 14.74 29.67 -15.93
N VAL C 17 15.65 29.24 -15.05
CA VAL C 17 15.58 27.91 -14.46
C VAL C 17 14.60 27.79 -13.29
N THR C 18 14.03 28.92 -12.86
CA THR C 18 12.97 28.93 -11.85
C THR C 18 11.64 29.37 -12.48
N ASN C 19 11.55 29.22 -13.79
CA ASN C 19 10.39 29.64 -14.59
C ASN C 19 9.91 31.05 -14.21
N ASN C 20 10.80 32.01 -14.41
CA ASN C 20 10.58 33.42 -14.07
C ASN C 20 10.17 33.64 -12.61
N PHE C 21 10.88 32.96 -11.71
CA PHE C 21 10.61 33.00 -10.27
C PHE C 21 9.13 32.77 -9.96
N ASP C 22 8.65 31.58 -10.25
CA ASP C 22 7.25 31.20 -10.07
C ASP C 22 6.91 31.16 -8.57
N GLU C 23 6.05 32.08 -8.13
CA GLU C 23 5.70 32.19 -6.70
C GLU C 23 4.64 31.20 -6.21
N ARG C 24 4.41 30.13 -7.01
CA ARG C 24 3.48 29.07 -6.63
C ARG C 24 4.21 27.90 -5.95
N PRO C 25 3.51 27.19 -5.04
CA PRO C 25 4.07 25.95 -4.48
C PRO C 25 4.22 24.87 -5.53
N ILE C 26 5.10 23.90 -5.26
CA ILE C 26 5.46 22.85 -6.22
C ILE C 26 4.42 21.72 -6.26
N SER C 27 4.27 21.11 -7.43
CA SER C 27 3.42 19.94 -7.61
C SER C 27 4.20 18.85 -8.34
N LYS C 32 8.07 28.39 -5.77
CA LYS C 32 8.16 28.75 -4.35
C LYS C 32 8.44 27.51 -3.51
N MET C 33 9.52 27.55 -2.73
CA MET C 33 9.86 26.51 -1.78
C MET C 33 9.39 26.93 -0.38
N GLY C 34 9.59 28.21 -0.07
CA GLY C 34 9.18 28.78 1.21
C GLY C 34 9.73 30.17 1.46
N GLY C 37 14.12 32.95 4.00
CA GLY C 37 14.22 33.92 5.08
C GLY C 37 13.60 35.26 4.73
N PHE C 38 14.44 36.27 4.52
CA PHE C 38 13.99 37.58 4.08
C PHE C 38 14.01 37.67 2.54
N GLY C 39 13.11 36.92 1.93
CA GLY C 39 13.04 36.75 0.49
C GLY C 39 12.46 35.38 0.19
N VAL C 40 12.00 35.19 -1.04
CA VAL C 40 11.38 33.92 -1.44
C VAL C 40 12.43 32.97 -2.03
N VAL C 41 12.29 31.68 -1.72
CA VAL C 41 13.19 30.63 -2.22
C VAL C 41 12.49 29.82 -3.31
N TYR C 42 13.16 29.62 -4.45
CA TYR C 42 12.63 28.86 -5.57
C TYR C 42 13.52 27.68 -5.94
N LYS C 43 12.93 26.62 -6.50
CA LYS C 43 13.69 25.48 -6.99
C LYS C 43 14.27 25.77 -8.37
N GLY C 44 15.56 25.55 -8.54
CA GLY C 44 16.25 25.84 -9.80
C GLY C 44 17.02 24.66 -10.35
N TYR C 45 17.67 24.88 -11.50
CA TYR C 45 18.41 23.84 -12.20
C TYR C 45 19.61 24.42 -12.94
N VAL C 46 20.73 24.59 -12.24
CA VAL C 46 21.94 25.14 -12.85
C VAL C 46 23.06 24.10 -12.90
N ASN C 47 23.81 24.09 -14.00
CA ASN C 47 24.92 23.13 -14.23
C ASN C 47 24.45 21.67 -14.08
N ASN C 48 23.25 21.39 -14.62
CA ASN C 48 22.55 20.10 -14.47
C ASN C 48 22.43 19.61 -13.01
N THR C 49 22.38 20.57 -12.09
CA THR C 49 22.27 20.30 -10.66
C THR C 49 21.10 21.10 -10.11
N THR C 50 20.21 20.44 -9.36
CA THR C 50 19.11 21.13 -8.71
C THR C 50 19.68 22.06 -7.64
N VAL C 51 19.08 23.23 -7.50
CA VAL C 51 19.55 24.23 -6.56
C VAL C 51 18.37 24.91 -5.88
N ALA C 52 18.65 25.60 -4.78
CA ALA C 52 17.68 26.49 -4.14
C ALA C 52 18.11 27.93 -4.43
N VAL C 53 17.20 28.71 -5.00
CA VAL C 53 17.48 30.10 -5.32
C VAL C 53 16.66 31.04 -4.45
N LYS C 54 17.33 31.81 -3.59
CA LYS C 54 16.65 32.80 -2.76
C LYS C 54 16.71 34.17 -3.40
N LYS C 55 15.52 34.69 -3.77
CA LYS C 55 15.37 36.01 -4.36
C LYS C 55 15.18 37.03 -3.26
N LEU C 56 16.18 37.88 -3.05
CA LEU C 56 16.08 38.92 -2.04
C LEU C 56 15.15 40.05 -2.52
N ALA C 57 13.85 39.84 -2.34
CA ALA C 57 12.85 40.83 -2.72
C ALA C 57 12.58 41.80 -1.57
N GLU C 65 19.71 49.91 0.22
CA GLU C 65 21.16 49.82 0.44
C GLU C 65 21.52 48.96 1.65
N GLU C 66 20.61 48.87 2.61
CA GLU C 66 20.74 47.97 3.75
C GLU C 66 20.68 46.52 3.27
N LEU C 67 19.93 46.31 2.19
CA LEU C 67 19.71 44.98 1.61
C LEU C 67 20.98 44.44 0.94
N LYS C 68 21.71 45.31 0.25
CA LYS C 68 22.99 44.95 -0.37
C LYS C 68 24.03 44.59 0.70
N GLN C 69 23.93 45.24 1.87
CA GLN C 69 24.79 44.96 3.01
C GLN C 69 24.47 43.60 3.64
N GLN C 70 23.18 43.28 3.72
CA GLN C 70 22.72 41.99 4.26
C GLN C 70 22.91 40.85 3.24
N PHE C 71 23.05 41.22 1.97
CA PHE C 71 23.42 40.31 0.90
C PHE C 71 24.88 39.87 1.05
N ASP C 72 25.77 40.84 1.21
CA ASP C 72 27.20 40.59 1.38
C ASP C 72 27.53 39.91 2.70
N GLN C 73 26.78 40.26 3.75
CA GLN C 73 26.94 39.66 5.07
C GLN C 73 26.73 38.14 5.04
N GLU C 74 25.60 37.72 4.45
CA GLU C 74 25.25 36.30 4.36
C GLU C 74 26.24 35.50 3.51
N ILE C 75 26.79 36.12 2.47
CA ILE C 75 27.83 35.50 1.64
C ILE C 75 29.07 35.30 2.49
N LYS C 76 29.50 36.35 3.17
CA LYS C 76 30.66 36.32 4.06
C LYS C 76 30.52 35.19 5.09
N VAL C 77 29.38 35.17 5.79
CA VAL C 77 29.09 34.15 6.81
C VAL C 77 29.17 32.72 6.24
N MET C 78 28.58 32.49 5.08
CA MET C 78 28.52 31.14 4.50
C MET C 78 29.80 30.73 3.78
N ALA C 79 30.61 31.71 3.39
CA ALA C 79 31.94 31.43 2.87
C ALA C 79 32.84 30.92 4.01
N LYS C 80 32.70 31.56 5.17
CA LYS C 80 33.46 31.18 6.36
C LYS C 80 32.94 29.89 6.99
N CYS C 81 31.62 29.80 7.16
CA CYS C 81 31.02 28.65 7.82
C CYS C 81 30.68 27.54 6.84
N GLN C 82 31.63 26.64 6.64
CA GLN C 82 31.44 25.45 5.81
C GLN C 82 31.57 24.22 6.70
N HIS C 83 30.48 23.47 6.83
CA HIS C 83 30.42 22.31 7.72
C HIS C 83 29.38 21.31 7.20
N GLU C 84 29.61 20.03 7.48
CA GLU C 84 28.72 18.97 7.01
C GLU C 84 27.26 19.10 7.47
N ASN C 85 27.03 19.84 8.55
CA ASN C 85 25.68 20.06 9.06
C ASN C 85 25.15 21.48 8.88
N LEU C 86 25.67 22.18 7.87
CA LEU C 86 25.15 23.49 7.45
C LEU C 86 24.92 23.47 5.95
N VAL C 87 23.86 24.14 5.49
CA VAL C 87 23.60 24.20 4.04
C VAL C 87 24.75 24.90 3.31
N GLU C 88 25.01 24.43 2.10
CA GLU C 88 26.12 24.92 1.31
C GLU C 88 25.65 26.00 0.33
N LEU C 89 26.35 27.13 0.35
CA LEU C 89 26.17 28.20 -0.64
C LEU C 89 26.93 27.82 -1.91
N LEU C 90 26.25 27.89 -3.05
CA LEU C 90 26.86 27.61 -4.35
C LEU C 90 27.29 28.88 -5.04
N GLY C 91 26.53 29.94 -4.85
CA GLY C 91 26.83 31.20 -5.48
C GLY C 91 25.74 32.23 -5.30
N PHE C 92 25.77 33.24 -6.17
CA PHE C 92 25.00 34.46 -5.98
C PHE C 92 24.83 35.20 -7.31
N SER C 93 23.91 36.15 -7.32
CA SER C 93 23.69 36.99 -8.50
C SER C 93 23.40 38.42 -8.08
N SER C 94 24.08 39.36 -8.74
CA SER C 94 23.90 40.78 -8.45
C SER C 94 23.72 41.64 -9.70
N ASP C 95 23.64 40.99 -10.87
CA ASP C 95 23.53 41.69 -12.15
C ASP C 95 22.10 41.74 -12.71
N GLY C 96 21.14 41.98 -11.83
CA GLY C 96 19.74 42.08 -12.22
C GLY C 96 19.00 43.07 -11.33
N ASP C 97 17.66 43.06 -11.43
CA ASP C 97 16.84 43.92 -10.59
C ASP C 97 16.87 43.47 -9.14
N ASP C 98 17.08 42.17 -8.94
CA ASP C 98 17.03 41.61 -7.60
C ASP C 98 18.22 40.70 -7.29
N LEU C 99 18.75 40.89 -6.09
CA LEU C 99 19.89 40.12 -5.60
C LEU C 99 19.45 38.69 -5.29
N CYS C 100 20.23 37.72 -5.74
CA CYS C 100 19.89 36.31 -5.58
C CYS C 100 21.01 35.49 -4.97
N LEU C 101 20.64 34.50 -4.15
CA LEU C 101 21.58 33.56 -3.57
C LEU C 101 21.23 32.12 -3.93
N VAL C 102 22.25 31.33 -4.24
CA VAL C 102 22.06 29.97 -4.72
C VAL C 102 22.70 28.97 -3.77
N TYR C 103 21.94 27.95 -3.37
CA TYR C 103 22.39 26.92 -2.43
C TYR C 103 22.21 25.54 -3.00
N VAL C 104 22.97 24.58 -2.49
CA VAL C 104 22.77 23.17 -2.84
C VAL C 104 21.35 22.78 -2.42
N TYR C 105 20.64 22.08 -3.31
CA TYR C 105 19.25 21.66 -3.10
C TYR C 105 19.18 20.52 -2.09
N MET C 106 18.30 20.67 -1.10
CA MET C 106 18.12 19.64 -0.09
C MET C 106 16.84 18.84 -0.41
N PRO C 107 17.02 17.65 -1.04
CA PRO C 107 15.90 16.92 -1.65
C PRO C 107 14.82 16.44 -0.67
N ASN C 108 15.13 16.36 0.61
CA ASN C 108 14.13 15.94 1.58
C ASN C 108 13.50 17.06 2.38
N GLY C 109 13.66 18.29 1.92
CA GLY C 109 12.99 19.45 2.50
C GLY C 109 13.37 19.72 3.94
N SER C 110 12.49 20.37 4.67
CA SER C 110 12.77 20.71 6.07
C SER C 110 12.27 19.66 7.03
N LEU C 111 12.83 19.68 8.24
CA LEU C 111 12.36 18.85 9.33
C LEU C 111 10.88 19.14 9.61
N LEU C 112 10.50 20.41 9.55
CA LEU C 112 9.11 20.80 9.76
C LEU C 112 8.19 20.12 8.76
N ASP C 113 8.55 20.18 7.47
CA ASP C 113 7.78 19.53 6.41
C ASP C 113 7.62 18.05 6.72
N ARG C 114 8.72 17.42 7.13
CA ARG C 114 8.72 15.97 7.34
C ARG C 114 7.95 15.55 8.60
N LEU C 115 8.01 16.39 9.63
CA LEU C 115 7.22 16.15 10.84
C LEU C 115 5.73 16.25 10.58
N SER C 116 5.35 17.05 9.59
CA SER C 116 3.94 17.20 9.24
C SER C 116 3.52 16.27 8.08
N CYS C 117 4.48 15.47 7.58
CA CYS C 117 4.29 14.52 6.46
C CYS C 117 3.69 15.17 5.23
N LEU C 118 4.13 16.39 4.97
CA LEU C 118 3.72 17.19 3.82
C LEU C 118 3.89 16.42 2.51
N ASP C 119 2.93 16.59 1.61
CA ASP C 119 2.94 15.96 0.27
C ASP C 119 3.12 14.45 0.29
N GLY C 120 2.58 13.81 1.32
CA GLY C 120 2.47 12.35 1.35
C GLY C 120 3.68 11.56 1.77
N THR C 121 4.64 12.21 2.41
CA THR C 121 5.83 11.53 2.88
C THR C 121 5.53 10.73 4.16
N PRO C 122 6.20 9.59 4.36
CA PRO C 122 6.01 8.78 5.58
C PRO C 122 6.60 9.47 6.81
N PRO C 123 5.99 9.26 8.00
CA PRO C 123 6.54 9.84 9.22
C PRO C 123 7.99 9.43 9.46
N LEU C 124 8.78 10.34 10.01
CA LEU C 124 10.14 9.98 10.42
C LEU C 124 10.13 9.00 11.59
N SER C 125 10.91 7.93 11.48
CA SER C 125 11.12 7.00 12.60
C SER C 125 11.84 7.70 13.75
N TRP C 126 11.66 7.21 14.97
CA TRP C 126 12.41 7.70 16.12
C TRP C 126 13.90 7.59 15.87
N HIS C 127 14.33 6.51 15.21
CA HIS C 127 15.74 6.34 14.86
C HIS C 127 16.26 7.53 14.01
N MET C 128 15.52 7.87 12.96
CA MET C 128 15.84 8.98 12.04
C MET C 128 15.87 10.30 12.82
N ARG C 129 14.90 10.47 13.72
CA ARG C 129 14.75 11.71 14.48
C ARG C 129 15.95 11.97 15.40
N CYS C 130 16.49 10.90 15.98
CA CYS C 130 17.67 10.98 16.85
C CYS C 130 18.90 11.41 16.05
N LYS C 131 19.07 10.84 14.85
CA LYS C 131 20.14 11.22 13.95
C LYS C 131 20.08 12.70 13.55
N ILE C 132 18.88 13.15 13.19
CA ILE C 132 18.64 14.55 12.86
C ILE C 132 18.94 15.48 14.05
N ALA C 133 18.43 15.12 15.23
CA ALA C 133 18.72 15.88 16.45
C ALA C 133 20.22 16.06 16.63
N GLN C 134 20.98 14.97 16.49
CA GLN C 134 22.44 14.97 16.64
C GLN C 134 23.12 15.86 15.60
N GLY C 135 22.71 15.70 14.34
CA GLY C 135 23.26 16.49 13.22
C GLY C 135 23.05 17.97 13.44
N ALA C 136 21.82 18.36 13.73
CA ALA C 136 21.46 19.76 14.01
C ALA C 136 22.36 20.35 15.10
N ALA C 137 22.56 19.59 16.18
CA ALA C 137 23.40 20.01 17.30
C ALA C 137 24.87 20.16 16.86
N ASN C 138 25.34 19.26 16.00
CA ASN C 138 26.70 19.33 15.46
C ASN C 138 26.92 20.58 14.61
N GLY C 139 25.86 21.00 13.91
CA GLY C 139 25.88 22.23 13.11
C GLY C 139 25.87 23.51 13.92
N ILE C 140 25.01 23.55 14.94
CA ILE C 140 25.02 24.68 15.89
C ILE C 140 26.37 24.77 16.64
N ASN C 141 26.95 23.61 16.97
CA ASN C 141 28.27 23.57 17.61
C ASN C 141 29.33 24.25 16.78
N PHE C 142 29.32 23.97 15.47
CA PHE C 142 30.27 24.58 14.56
C PHE C 142 30.08 26.09 14.55
N LEU C 143 28.84 26.54 14.45
CA LEU C 143 28.52 27.97 14.46
C LEU C 143 29.04 28.67 15.72
N HIS C 144 28.75 28.08 16.88
CA HIS C 144 29.17 28.66 18.17
C HIS C 144 30.69 28.60 18.39
N GLU C 145 31.32 27.51 17.95
CA GLU C 145 32.79 27.38 17.96
C GLU C 145 33.45 28.42 17.08
N ASN C 146 32.71 28.86 16.06
CA ASN C 146 33.17 29.88 15.12
C ASN C 146 32.53 31.23 15.39
N HIS C 147 32.05 31.38 16.63
CA HIS C 147 31.59 32.66 17.18
C HIS C 147 30.46 33.32 16.38
N HIS C 148 29.59 32.47 15.84
CA HIS C 148 28.40 32.93 15.15
C HIS C 148 27.16 32.55 15.95
N ILE C 149 26.17 33.45 15.93
CA ILE C 149 24.85 33.19 16.50
C ILE C 149 23.85 33.13 15.35
N HIS C 150 23.09 32.04 15.28
CA HIS C 150 22.13 31.83 14.19
C HIS C 150 20.93 32.78 14.28
N ARG C 151 20.30 32.82 15.45
CA ARG C 151 19.17 33.72 15.78
C ARG C 151 17.82 33.30 15.22
N ASP C 152 17.76 32.19 14.49
CA ASP C 152 16.49 31.69 13.97
C ASP C 152 16.51 30.17 13.82
N ILE C 153 16.90 29.49 14.89
CA ILE C 153 16.86 28.03 14.94
C ILE C 153 15.41 27.60 15.06
N LYS C 154 14.97 26.77 14.13
CA LYS C 154 13.61 26.24 14.10
C LYS C 154 13.55 25.08 13.10
N SER C 155 12.48 24.29 13.14
CA SER C 155 12.40 23.09 12.29
C SER C 155 12.30 23.43 10.79
N ALA C 156 11.71 24.58 10.48
CA ALA C 156 11.67 25.08 9.11
C ALA C 156 13.08 25.41 8.60
N ASN C 157 14.01 25.61 9.53
CA ASN C 157 15.40 25.97 9.20
C ASN C 157 16.41 24.83 9.38
N ILE C 158 15.91 23.60 9.46
CA ILE C 158 16.75 22.41 9.51
C ILE C 158 16.37 21.58 8.29
N LEU C 159 17.28 21.53 7.32
CA LEU C 159 16.98 20.90 6.03
C LEU C 159 17.58 19.49 5.99
N LEU C 160 17.06 18.66 5.09
CA LEU C 160 17.46 17.26 5.06
C LEU C 160 17.94 16.85 3.67
N ASP C 161 19.15 16.30 3.62
CA ASP C 161 19.72 15.86 2.34
C ASP C 161 19.26 14.45 1.95
N GLU C 162 19.92 13.90 0.93
CA GLU C 162 19.62 12.59 0.35
C GLU C 162 19.72 11.44 1.37
N ALA C 163 20.46 11.67 2.45
CA ALA C 163 20.64 10.68 3.51
C ALA C 163 19.88 11.08 4.78
N PHE C 164 19.07 12.13 4.67
CA PHE C 164 18.39 12.78 5.80
C PHE C 164 19.34 13.33 6.85
N THR C 165 20.52 13.73 6.40
CA THR C 165 21.47 14.46 7.25
C THR C 165 20.91 15.86 7.46
N ALA C 166 20.85 16.28 8.73
CA ALA C 166 20.37 17.62 9.08
C ALA C 166 21.35 18.69 8.64
N LYS C 167 20.83 19.72 7.98
CA LYS C 167 21.64 20.86 7.58
C LYS C 167 20.97 22.14 8.06
N ILE C 168 21.67 22.89 8.91
CA ILE C 168 21.16 24.18 9.39
C ILE C 168 21.13 25.16 8.22
N SER C 169 20.00 25.85 8.05
CA SER C 169 19.83 26.78 6.94
C SER C 169 19.35 28.15 7.42
N ASP C 170 19.15 29.05 6.44
N ASP C 170 19.21 29.06 6.46
CA ASP C 170 18.72 30.44 6.64
CA ASP C 170 18.69 30.42 6.67
C ASP C 170 19.59 31.23 7.62
C ASP C 170 19.57 31.26 7.61
N PHE C 171 20.71 31.71 7.09
CA PHE C 171 21.66 32.50 7.87
C PHE C 171 21.46 33.98 7.59
N GLY C 172 20.24 34.32 7.18
CA GLY C 172 19.87 35.69 6.85
C GLY C 172 19.78 36.60 8.05
N LEU C 173 19.82 36.02 9.25
CA LEU C 173 19.82 36.80 10.49
C LEU C 173 21.04 36.56 11.35
N ALA C 174 21.91 35.64 10.92
CA ALA C 174 23.08 35.23 11.69
C ALA C 174 24.03 36.39 11.99
N ARG C 175 24.56 36.42 13.22
CA ARG C 175 25.50 37.43 13.66
C ARG C 175 26.86 36.83 13.97
N ALA C 176 27.91 37.44 13.44
CA ALA C 176 29.28 36.97 13.64
C ALA C 176 29.85 37.41 14.99
N ALA C 181 33.64 38.33 22.63
CA ALA C 181 32.24 38.07 22.36
C ALA C 181 31.43 37.94 23.66
N GLN C 182 30.52 38.89 23.87
CA GLN C 182 29.66 38.92 25.07
C GLN C 182 28.22 39.28 24.70
N VAL C 184 25.25 41.45 23.99
CA VAL C 184 24.92 42.80 23.58
C VAL C 184 23.40 42.94 23.36
N MET C 185 22.95 44.19 23.23
CA MET C 185 21.55 44.49 22.97
C MET C 185 21.36 45.02 21.55
N ARG C 188 16.74 45.97 16.61
CA ARG C 188 15.94 45.20 15.67
C ARG C 188 15.77 43.77 16.19
N ILE C 189 14.68 43.54 16.92
CA ILE C 189 14.39 42.22 17.45
C ILE C 189 13.89 41.35 16.32
N VAL C 190 14.69 40.33 15.98
CA VAL C 190 14.36 39.40 14.90
C VAL C 190 14.36 37.95 15.40
N GLY C 191 13.73 37.07 14.63
CA GLY C 191 13.56 35.67 15.02
C GLY C 191 12.10 35.24 14.92
N THR C 192 11.84 33.98 15.30
CA THR C 192 10.51 33.39 15.26
C THR C 192 9.97 33.23 16.67
N THR C 193 8.93 34.00 16.97
CA THR C 193 8.39 34.18 18.32
C THR C 193 8.22 32.88 19.09
N ALA C 194 7.63 31.88 18.43
CA ALA C 194 7.31 30.59 19.07
C ALA C 194 8.54 29.79 19.52
N TYR C 195 9.71 30.16 18.99
CA TYR C 195 10.98 29.46 19.30
C TYR C 195 11.93 30.30 20.18
N MET C 196 11.60 31.57 20.39
CA MET C 196 12.54 32.52 20.99
C MET C 196 12.71 32.42 22.51
N ALA C 197 13.96 32.57 22.95
CA ALA C 197 14.26 32.72 24.36
C ALA C 197 13.68 34.06 24.84
N PRO C 198 13.30 34.16 26.13
CA PRO C 198 12.72 35.42 26.61
C PRO C 198 13.70 36.59 26.49
N GLU C 199 14.98 36.34 26.72
CA GLU C 199 15.97 37.40 26.59
C GLU C 199 16.11 37.84 25.13
N ALA C 200 15.92 36.90 24.21
CA ALA C 200 15.99 37.20 22.77
C ALA C 200 14.78 38.04 22.35
N LEU C 201 13.62 37.76 22.96
CA LEU C 201 12.41 38.52 22.72
C LEU C 201 12.52 39.95 23.28
N ARG C 202 13.41 40.14 24.24
CA ARG C 202 13.63 41.44 24.86
C ARG C 202 14.79 42.20 24.25
N GLY C 203 15.47 41.58 23.28
CA GLY C 203 16.47 42.29 22.48
C GLY C 203 17.91 41.91 22.74
N GLU C 204 18.15 40.93 23.60
CA GLU C 204 19.49 40.43 23.86
C GLU C 204 19.98 39.60 22.69
N ILE C 205 21.29 39.64 22.46
CA ILE C 205 21.93 38.79 21.45
C ILE C 205 22.96 37.91 22.15
N THR C 206 22.68 36.60 22.20
CA THR C 206 23.56 35.64 22.85
C THR C 206 23.40 34.25 22.23
N PRO C 207 24.51 33.48 22.14
CA PRO C 207 24.40 32.09 21.67
C PRO C 207 23.50 31.23 22.56
N LYS C 208 23.29 31.69 23.79
CA LYS C 208 22.42 31.00 24.74
C LYS C 208 20.96 30.93 24.27
N SER C 209 20.57 31.90 23.45
CA SER C 209 19.23 31.94 22.89
C SER C 209 19.03 30.86 21.82
N ASP C 210 20.09 30.53 21.10
CA ASP C 210 20.08 29.43 20.13
C ASP C 210 19.78 28.09 20.80
N ILE C 211 20.33 27.92 22.00
CA ILE C 211 20.13 26.72 22.82
C ILE C 211 18.66 26.56 23.20
N TYR C 212 18.04 27.64 23.69
CA TYR C 212 16.63 27.62 24.04
C TYR C 212 15.74 27.24 22.84
N SER C 213 15.96 27.90 21.70
CA SER C 213 15.27 27.57 20.45
C SER C 213 15.43 26.10 20.07
N PHE C 214 16.63 25.56 20.24
CA PHE C 214 16.89 24.15 19.94
C PHE C 214 16.06 23.23 20.84
N GLY C 215 15.86 23.68 22.09
CA GLY C 215 14.98 22.99 23.02
C GLY C 215 13.58 22.82 22.45
N VAL C 216 13.04 23.90 21.88
CA VAL C 216 11.71 23.85 21.25
C VAL C 216 11.69 22.86 20.07
N VAL C 217 12.75 22.87 19.28
CA VAL C 217 12.92 21.87 18.19
C VAL C 217 12.89 20.42 18.71
N LEU C 218 13.61 20.15 19.80
CA LEU C 218 13.61 18.80 20.40
C LEU C 218 12.22 18.38 20.79
N LEU C 219 11.46 19.29 21.39
CA LEU C 219 10.05 19.04 21.69
C LEU C 219 9.22 18.75 20.44
N GLU C 220 9.45 19.49 19.36
CA GLU C 220 8.80 19.22 18.07
C GLU C 220 9.09 17.82 17.58
N ILE C 221 10.37 17.46 17.61
CA ILE C 221 10.82 16.13 17.21
C ILE C 221 10.14 15.01 18.01
N ILE C 222 10.09 15.16 19.33
CA ILE C 222 9.42 14.18 20.19
C ILE C 222 7.92 14.05 19.89
N THR C 223 7.26 15.19 19.81
CA THR C 223 5.78 15.25 19.78
C THR C 223 5.18 15.33 18.38
N GLY C 224 5.98 15.80 17.41
CA GLY C 224 5.50 16.04 16.04
C GLY C 224 4.52 17.21 15.94
N LEU C 225 4.40 17.95 17.04
CA LEU C 225 3.51 19.11 17.11
C LEU C 225 4.31 20.38 16.76
N PRO C 226 3.70 21.30 16.00
CA PRO C 226 4.45 22.52 15.67
C PRO C 226 4.52 23.45 16.90
N ALA C 227 5.52 24.33 16.90
CA ALA C 227 5.83 25.18 18.04
C ALA C 227 4.68 26.05 18.52
N VAL C 228 3.77 26.39 17.63
CA VAL C 228 2.60 27.18 18.01
C VAL C 228 1.28 26.71 17.36
N ASP C 229 0.22 26.70 18.17
CA ASP C 229 -1.14 26.41 17.72
C ASP C 229 -2.11 27.12 18.67
N GLU C 230 -2.68 28.23 18.21
CA GLU C 230 -3.49 29.14 19.03
C GLU C 230 -4.68 28.48 19.75
N HIS C 231 -5.20 27.40 19.18
CA HIS C 231 -6.39 26.74 19.72
C HIS C 231 -6.07 25.49 20.55
N ARG C 232 -4.81 25.09 20.56
CA ARG C 232 -4.33 23.93 21.31
C ARG C 232 -4.05 24.33 22.77
N GLU C 233 -4.13 23.37 23.69
CA GLU C 233 -3.78 23.62 25.10
C GLU C 233 -2.62 22.71 25.53
N PRO C 234 -1.42 23.29 25.72
CA PRO C 234 -1.14 24.73 25.65
C PRO C 234 -0.95 25.22 24.21
N GLN C 235 -1.00 26.54 24.05
CA GLN C 235 -0.98 27.20 22.73
C GLN C 235 0.41 27.17 22.11
N LEU C 236 1.40 27.43 22.95
CA LEU C 236 2.80 27.34 22.58
C LEU C 236 3.31 26.01 23.12
N LEU C 237 4.09 25.31 22.29
CA LEU C 237 4.60 23.99 22.63
C LEU C 237 5.52 24.02 23.86
N LEU C 238 6.31 25.08 24.01
CA LEU C 238 7.32 25.14 25.09
C LEU C 238 6.73 25.07 26.50
N ASP C 239 5.42 25.25 26.59
CA ASP C 239 4.71 25.20 27.87
C ASP C 239 4.33 23.78 28.33
N ILE C 240 4.43 22.79 27.45
CA ILE C 240 4.25 21.41 27.86
C ILE C 240 5.27 21.02 28.94
N LYS C 241 6.40 21.74 28.97
CA LYS C 241 7.42 21.56 30.00
C LYS C 241 6.81 21.71 31.40
N GLU C 242 5.88 22.65 31.53
CA GLU C 242 5.20 22.92 32.81
C GLU C 242 4.17 21.84 33.15
N GLU C 243 3.39 21.42 32.16
CA GLU C 243 2.41 20.34 32.33
C GLU C 243 3.05 19.06 32.84
N ILE C 244 4.28 18.82 32.41
CA ILE C 244 5.02 17.62 32.77
C ILE C 244 5.71 17.78 34.13
N GLU C 245 6.19 18.99 34.42
CA GLU C 245 6.79 19.29 35.72
C GLU C 245 5.77 19.30 36.87
N ASP C 246 4.59 19.86 36.60
CA ASP C 246 3.49 19.84 37.57
C ASP C 246 2.86 18.44 37.64
N GLU C 247 3.43 17.54 36.84
CA GLU C 247 3.04 16.12 36.73
C GLU C 247 1.56 15.84 36.46
N GLU C 248 0.86 16.80 35.86
CA GLU C 248 -0.50 16.55 35.41
C GLU C 248 -0.48 15.73 34.12
N LYS C 249 0.69 15.68 33.49
CA LYS C 249 0.98 14.81 32.35
C LYS C 249 2.44 14.36 32.35
N THR C 250 2.76 13.42 31.48
CA THR C 250 4.15 13.01 31.28
C THR C 250 4.52 13.07 29.80
N ILE C 251 5.82 13.13 29.51
CA ILE C 251 6.30 13.22 28.13
C ILE C 251 5.86 12.02 27.29
N GLU C 252 5.76 10.86 27.92
CA GLU C 252 5.21 9.66 27.28
C GLU C 252 3.86 9.92 26.63
N ASP C 253 3.00 10.65 27.33
CA ASP C 253 1.67 11.02 26.83
C ASP C 253 1.73 11.90 25.57
N TYR C 254 2.85 12.58 25.39
CA TYR C 254 3.02 13.52 24.27
C TYR C 254 3.80 12.96 23.08
N ILE C 255 4.19 11.69 23.16
CA ILE C 255 4.97 11.07 22.08
C ILE C 255 4.18 11.04 20.78
N ASP C 256 4.78 11.57 19.71
CA ASP C 256 4.19 11.52 18.37
C ASP C 256 3.65 10.11 18.10
N LYS C 257 2.33 10.00 17.95
CA LYS C 257 1.66 8.71 17.67
C LYS C 257 2.01 8.15 16.28
N LYS C 258 2.63 8.97 15.43
CA LYS C 258 2.97 8.53 14.08
C LYS C 258 4.31 7.77 14.00
N MET C 259 4.92 7.50 15.15
CA MET C 259 6.08 6.61 15.21
C MET C 259 5.69 5.22 15.70
N ASN C 260 6.46 4.21 15.31
CA ASN C 260 6.30 2.87 15.89
C ASN C 260 7.52 2.38 16.68
N ASP C 261 8.62 3.13 16.61
CA ASP C 261 9.91 2.67 17.14
C ASP C 261 10.47 3.52 18.29
N ALA C 262 9.62 4.32 18.92
CA ALA C 262 10.07 5.14 20.05
C ALA C 262 10.16 4.30 21.32
N ASP C 263 11.24 4.45 22.06
CA ASP C 263 11.31 3.85 23.41
C ASP C 263 11.31 4.92 24.49
N SER C 264 10.65 4.61 25.61
CA SER C 264 10.54 5.52 26.77
C SER C 264 11.87 6.13 27.23
N THR C 265 12.91 5.30 27.26
CA THR C 265 14.20 5.71 27.82
C THR C 265 14.91 6.75 26.95
N SER C 266 14.99 6.49 25.64
CA SER C 266 15.57 7.48 24.73
C SER C 266 14.70 8.75 24.64
N VAL C 267 13.39 8.56 24.60
CA VAL C 267 12.44 9.68 24.55
C VAL C 267 12.64 10.60 25.76
N GLU C 268 12.67 10.03 26.96
CA GLU C 268 12.88 10.81 28.18
C GLU C 268 14.27 11.44 28.25
N ALA C 269 15.27 10.75 27.69
CA ALA C 269 16.63 11.30 27.58
C ALA C 269 16.65 12.56 26.70
N MET C 270 15.96 12.51 25.55
CA MET C 270 15.87 13.70 24.70
C MET C 270 15.03 14.76 25.37
N TYR C 271 13.99 14.34 26.09
CA TYR C 271 13.17 15.29 26.82
C TYR C 271 13.95 16.01 27.92
N SER C 272 14.87 15.29 28.54
CA SER C 272 15.73 15.87 29.57
C SER C 272 16.64 16.94 28.97
N VAL C 273 17.18 16.69 27.78
CA VAL C 273 18.01 17.68 27.09
C VAL C 273 17.17 18.91 26.73
N ALA C 274 15.99 18.68 26.18
CA ALA C 274 15.07 19.75 25.80
C ALA C 274 14.73 20.66 26.98
N SER C 275 14.32 20.04 28.07
CA SER C 275 13.99 20.73 29.33
C SER C 275 15.15 21.59 29.85
N GLN C 276 16.37 21.06 29.77
CA GLN C 276 17.58 21.80 30.15
C GLN C 276 17.84 22.99 29.23
N CYS C 277 17.65 22.77 27.92
CA CYS C 277 17.77 23.84 26.92
C CYS C 277 16.73 24.94 27.17
N LEU C 278 15.56 24.54 27.69
CA LEU C 278 14.44 25.46 27.86
C LEU C 278 14.41 26.12 29.24
N HIS C 279 15.54 26.07 29.93
CA HIS C 279 15.69 26.78 31.18
C HIS C 279 15.45 28.26 30.93
N GLU C 280 14.51 28.84 31.67
CA GLU C 280 14.15 30.25 31.48
C GLU C 280 15.33 31.19 31.73
N LYS C 281 16.18 30.80 32.67
CA LYS C 281 17.38 31.58 32.98
C LYS C 281 18.55 31.13 32.12
N LYS C 282 18.95 32.02 31.21
CA LYS C 282 19.94 31.72 30.16
C LYS C 282 21.25 31.14 30.67
N ASN C 283 21.68 31.58 31.86
CA ASN C 283 22.94 31.13 32.45
C ASN C 283 22.90 29.70 32.99
N LYS C 284 21.69 29.18 33.17
CA LYS C 284 21.49 27.82 33.69
C LYS C 284 21.35 26.80 32.57
N ARG C 285 21.19 27.27 31.34
CA ARG C 285 21.17 26.40 30.16
C ARG C 285 22.54 25.79 29.90
N PRO C 286 22.57 24.54 29.38
CA PRO C 286 23.83 23.95 28.94
C PRO C 286 24.31 24.63 27.67
N ASP C 287 25.62 24.68 27.46
CA ASP C 287 26.13 25.14 26.17
C ASP C 287 25.97 24.03 25.13
N ILE C 288 26.16 24.37 23.85
CA ILE C 288 25.96 23.41 22.76
C ILE C 288 26.83 22.15 22.85
N LYS C 289 28.05 22.29 23.36
CA LYS C 289 28.95 21.15 23.51
C LYS C 289 28.36 20.13 24.48
N LYS C 290 27.78 20.63 25.57
CA LYS C 290 27.07 19.79 26.53
C LYS C 290 25.85 19.15 25.87
N VAL C 291 25.09 19.94 25.11
CA VAL C 291 23.93 19.39 24.37
C VAL C 291 24.35 18.22 23.45
N GLN C 292 25.41 18.43 22.68
CA GLN C 292 26.05 17.36 21.90
C GLN C 292 26.34 16.10 22.71
N GLN C 293 27.07 16.27 23.81
CA GLN C 293 27.44 15.18 24.72
C GLN C 293 26.21 14.34 25.04
N LEU C 294 25.18 15.03 25.54
CA LEU C 294 23.97 14.40 26.04
C LEU C 294 23.18 13.66 24.96
N LEU C 295 23.13 14.24 23.75
CA LEU C 295 22.42 13.61 22.63
C LEU C 295 23.15 12.38 22.09
N GLN C 296 24.48 12.40 22.14
CA GLN C 296 25.28 11.26 21.73
C GLN C 296 25.21 10.15 22.77
N GLU C 297 25.20 10.54 24.05
CA GLU C 297 24.99 9.62 25.17
C GLU C 297 23.65 8.90 25.08
N MET C 298 22.67 9.59 24.52
CA MET C 298 21.30 9.11 24.34
C MET C 298 21.21 7.86 23.45
N THR C 299 21.99 7.82 22.36
CA THR C 299 21.92 6.70 21.41
C THR C 299 23.02 5.66 21.65
N ASP D 3 -39.98 -22.45 -16.92
CA ASP D 3 -41.29 -21.74 -16.88
C ASP D 3 -41.20 -20.27 -16.41
N THR D 4 -40.00 -19.70 -16.46
CA THR D 4 -39.84 -18.27 -16.24
C THR D 4 -40.04 -17.50 -17.55
N ARG D 5 -40.81 -16.41 -17.46
CA ARG D 5 -41.05 -15.52 -18.57
C ARG D 5 -40.19 -14.28 -18.38
N PHE D 6 -39.46 -13.88 -19.42
CA PHE D 6 -38.49 -12.79 -19.30
C PHE D 6 -38.96 -11.45 -19.87
N HIS D 7 -38.34 -10.37 -19.39
CA HIS D 7 -38.62 -9.02 -19.84
C HIS D 7 -38.10 -8.81 -21.27
N SER D 8 -38.92 -8.16 -22.09
CA SER D 8 -38.49 -7.77 -23.42
C SER D 8 -37.91 -6.36 -23.36
N PHE D 9 -36.64 -6.24 -23.73
CA PHE D 9 -36.00 -4.93 -23.84
C PHE D 9 -35.90 -4.53 -25.31
N SER D 10 -35.97 -3.23 -25.59
CA SER D 10 -35.68 -2.75 -26.94
C SER D 10 -34.18 -2.59 -27.10
N PHE D 11 -33.69 -2.89 -28.30
CA PHE D 11 -32.28 -2.79 -28.65
C PHE D 11 -31.72 -1.39 -28.36
N TYR D 12 -32.53 -0.38 -28.62
CA TYR D 12 -32.12 1.02 -28.51
C TYR D 12 -32.05 1.55 -27.08
N GLU D 13 -32.85 0.98 -26.19
CA GLU D 13 -32.70 1.26 -24.76
C GLU D 13 -31.36 0.70 -24.30
N LEU D 14 -31.06 -0.52 -24.70
CA LEU D 14 -29.78 -1.16 -24.40
C LEU D 14 -28.59 -0.47 -25.06
N LYS D 15 -28.83 0.15 -26.22
CA LYS D 15 -27.81 0.95 -26.90
C LYS D 15 -27.55 2.23 -26.12
N ASN D 16 -28.62 2.95 -25.77
CA ASN D 16 -28.53 4.15 -24.95
C ASN D 16 -27.76 3.95 -23.65
N VAL D 17 -28.23 2.97 -22.88
CA VAL D 17 -27.79 2.71 -21.52
C VAL D 17 -26.35 2.20 -21.41
N THR D 18 -25.80 1.70 -22.53
CA THR D 18 -24.42 1.24 -22.59
C THR D 18 -23.55 2.15 -23.45
N ASN D 19 -23.88 3.43 -23.49
CA ASN D 19 -23.18 4.43 -24.31
C ASN D 19 -22.88 3.90 -25.72
N ASN D 20 -23.95 3.58 -26.45
CA ASN D 20 -23.87 3.02 -27.80
C ASN D 20 -22.92 1.83 -27.95
N PHE D 21 -22.97 0.92 -26.97
CA PHE D 21 -22.09 -0.24 -26.89
C PHE D 21 -20.61 0.13 -27.08
N ASP D 22 -20.02 0.67 -26.02
CA ASP D 22 -18.65 1.15 -26.05
C ASP D 22 -17.64 -0.01 -26.04
N GLU D 23 -17.12 -0.33 -27.23
CA GLU D 23 -16.10 -1.37 -27.43
C GLU D 23 -14.86 -1.19 -26.53
N ARG D 24 -14.65 0.04 -26.08
CA ARG D 24 -13.55 0.38 -25.17
C ARG D 24 -13.83 -0.13 -23.75
N PRO D 25 -12.80 -0.67 -23.08
CA PRO D 25 -12.88 -1.13 -21.69
C PRO D 25 -13.31 -0.03 -20.70
N ILE D 26 -13.95 -0.43 -19.60
CA ILE D 26 -14.44 0.47 -18.56
C ILE D 26 -13.41 1.54 -18.20
N SER D 27 -12.14 1.13 -18.17
CA SER D 27 -10.99 1.97 -17.80
C SER D 27 -10.98 3.36 -18.43
N VAL D 28 -10.84 3.40 -19.76
CA VAL D 28 -10.72 4.65 -20.50
C VAL D 28 -12.07 5.13 -21.01
N GLY D 30 -15.47 3.83 -20.19
CA GLY D 30 -15.92 2.79 -21.11
C GLY D 30 -17.08 1.96 -20.58
N ASN D 31 -17.48 0.96 -21.35
CA ASN D 31 -18.59 0.07 -20.96
C ASN D 31 -18.27 -1.42 -21.07
N LYS D 32 -17.21 -1.76 -21.81
CA LYS D 32 -16.80 -3.16 -21.99
C LYS D 32 -16.24 -3.74 -20.70
N MET D 33 -16.97 -4.70 -20.14
CA MET D 33 -16.59 -5.38 -18.89
C MET D 33 -16.06 -6.80 -19.12
N GLY D 34 -16.03 -7.21 -20.39
CA GLY D 34 -15.53 -8.54 -20.76
C GLY D 34 -16.02 -8.94 -22.15
N GLU D 35 -15.48 -10.04 -22.66
CA GLU D 35 -15.88 -10.57 -23.96
C GLU D 35 -15.59 -12.07 -24.07
N GLY D 36 -15.51 -12.57 -25.30
CA GLY D 36 -15.14 -13.96 -25.56
C GLY D 36 -16.33 -14.84 -25.88
N GLY D 37 -17.30 -14.87 -24.95
CA GLY D 37 -18.45 -15.76 -25.05
C GLY D 37 -19.44 -15.38 -26.14
N PHE D 38 -19.00 -15.53 -27.39
CA PHE D 38 -19.84 -15.33 -28.58
C PHE D 38 -20.36 -13.89 -28.72
N GLY D 39 -19.78 -12.99 -27.92
CA GLY D 39 -20.18 -11.59 -27.90
C GLY D 39 -19.47 -10.79 -26.81
N VAL D 40 -19.55 -9.47 -26.93
CA VAL D 40 -18.95 -8.56 -25.94
C VAL D 40 -19.96 -8.22 -24.85
N VAL D 41 -19.52 -8.26 -23.60
CA VAL D 41 -20.35 -7.94 -22.45
C VAL D 41 -20.15 -6.47 -22.06
N TYR D 42 -21.26 -5.76 -21.88
CA TYR D 42 -21.25 -4.33 -21.54
C TYR D 42 -21.93 -4.07 -20.20
N LYS D 43 -21.42 -3.10 -19.45
CA LYS D 43 -22.10 -2.63 -18.25
C LYS D 43 -23.19 -1.64 -18.65
N GLY D 44 -24.29 -1.66 -17.91
CA GLY D 44 -25.42 -0.79 -18.19
C GLY D 44 -26.28 -0.54 -16.97
N TYR D 45 -27.29 0.31 -17.14
CA TYR D 45 -28.21 0.67 -16.06
C TYR D 45 -29.64 0.80 -16.58
N VAL D 46 -30.40 -0.29 -16.45
CA VAL D 46 -31.79 -0.31 -16.92
C VAL D 46 -32.74 -0.47 -15.73
N ASN D 47 -33.85 0.28 -15.77
CA ASN D 47 -34.91 0.21 -14.75
C ASN D 47 -34.41 0.27 -13.31
N ASN D 48 -33.61 1.31 -13.01
CA ASN D 48 -33.04 1.53 -11.67
C ASN D 48 -31.98 0.49 -11.24
N THR D 49 -31.75 -0.51 -12.09
CA THR D 49 -30.84 -1.61 -11.76
C THR D 49 -29.59 -1.58 -12.64
N THR D 50 -28.44 -1.92 -12.05
CA THR D 50 -27.22 -2.12 -12.82
C THR D 50 -27.26 -3.51 -13.43
N VAL D 51 -26.85 -3.65 -14.69
CA VAL D 51 -26.99 -4.90 -15.44
C VAL D 51 -25.78 -5.19 -16.32
N ALA D 52 -25.66 -6.45 -16.72
CA ALA D 52 -24.71 -6.87 -17.74
C ALA D 52 -25.48 -7.08 -19.05
N VAL D 53 -24.95 -6.53 -20.13
CA VAL D 53 -25.58 -6.65 -21.45
C VAL D 53 -24.65 -7.38 -22.41
N LYS D 54 -25.03 -8.59 -22.77
CA LYS D 54 -24.26 -9.39 -23.73
C LYS D 54 -24.84 -9.20 -25.13
N LYS D 55 -24.16 -8.37 -25.93
CA LYS D 55 -24.54 -8.17 -27.33
C LYS D 55 -23.82 -9.18 -28.21
N LEU D 56 -24.59 -9.95 -28.97
CA LEU D 56 -24.05 -11.03 -29.80
C LEU D 56 -23.80 -10.56 -31.24
N THR D 63 -21.95 -19.02 -39.40
CA THR D 63 -22.57 -18.65 -38.13
C THR D 63 -23.91 -17.94 -38.35
N THR D 64 -24.09 -16.77 -37.72
CA THR D 64 -25.34 -15.97 -37.77
C THR D 64 -26.55 -16.71 -37.18
N GLU D 65 -26.96 -17.80 -37.82
CA GLU D 65 -28.03 -18.66 -37.30
C GLU D 65 -27.50 -19.59 -36.20
N GLU D 66 -26.19 -19.86 -36.27
CA GLU D 66 -25.49 -20.62 -35.25
C GLU D 66 -25.40 -19.79 -33.97
N LEU D 67 -25.43 -18.47 -34.13
CA LEU D 67 -25.44 -17.54 -33.01
C LEU D 67 -26.87 -17.28 -32.53
N LYS D 68 -27.84 -17.48 -33.43
CA LYS D 68 -29.26 -17.39 -33.08
C LYS D 68 -29.66 -18.57 -32.18
N GLN D 69 -29.16 -19.75 -32.51
CA GLN D 69 -29.46 -20.96 -31.74
C GLN D 69 -28.88 -20.94 -30.31
N GLN D 70 -27.72 -20.33 -30.15
CA GLN D 70 -27.10 -20.18 -28.83
C GLN D 70 -27.75 -19.06 -28.01
N PHE D 71 -28.27 -18.05 -28.71
CA PHE D 71 -29.18 -17.06 -28.14
C PHE D 71 -30.40 -17.75 -27.54
N ASP D 72 -31.09 -18.54 -28.37
CA ASP D 72 -32.31 -19.23 -27.96
C ASP D 72 -32.08 -20.29 -26.89
N GLN D 73 -30.96 -21.00 -26.97
CA GLN D 73 -30.61 -22.02 -26.00
C GLN D 73 -30.33 -21.42 -24.62
N GLU D 74 -29.63 -20.28 -24.61
CA GLU D 74 -29.36 -19.56 -23.40
C GLU D 74 -30.66 -19.21 -22.68
N ILE D 75 -31.64 -18.69 -23.45
CA ILE D 75 -32.94 -18.30 -22.89
C ILE D 75 -33.75 -19.47 -22.34
N LYS D 76 -33.81 -20.58 -23.08
CA LYS D 76 -34.61 -21.73 -22.65
C LYS D 76 -34.02 -22.45 -21.43
N VAL D 77 -32.70 -22.53 -21.34
CA VAL D 77 -32.06 -23.09 -20.15
C VAL D 77 -32.30 -22.18 -18.94
N MET D 78 -32.15 -20.86 -19.15
CA MET D 78 -32.37 -19.87 -18.10
C MET D 78 -33.83 -19.79 -17.63
N ALA D 79 -34.76 -20.11 -18.53
CA ALA D 79 -36.19 -20.18 -18.18
C ALA D 79 -36.47 -21.34 -17.23
N LYS D 80 -35.69 -22.41 -17.38
CA LYS D 80 -35.87 -23.66 -16.62
C LYS D 80 -35.03 -23.72 -15.34
N CYS D 81 -33.88 -23.03 -15.34
CA CYS D 81 -32.89 -23.18 -14.27
C CYS D 81 -32.59 -21.89 -13.52
N GLN D 82 -33.07 -21.82 -12.28
CA GLN D 82 -32.80 -20.71 -11.39
C GLN D 82 -32.19 -21.28 -10.11
N HIS D 83 -31.03 -20.75 -9.74
CA HIS D 83 -30.30 -21.23 -8.56
C HIS D 83 -29.34 -20.18 -8.04
N GLU D 84 -29.11 -20.21 -6.73
CA GLU D 84 -28.12 -19.37 -6.06
C GLU D 84 -26.79 -19.29 -6.82
N ASN D 85 -26.39 -20.39 -7.46
CA ASN D 85 -25.09 -20.47 -8.12
C ASN D 85 -25.13 -20.52 -9.65
N LEU D 86 -26.18 -19.93 -10.23
CA LEU D 86 -26.29 -19.73 -11.66
C LEU D 86 -26.60 -18.26 -11.88
N VAL D 87 -26.05 -17.66 -12.92
CA VAL D 87 -26.38 -16.27 -13.23
C VAL D 87 -27.87 -16.16 -13.55
N GLU D 88 -28.46 -15.00 -13.26
CA GLU D 88 -29.86 -14.76 -13.53
C GLU D 88 -30.05 -13.87 -14.76
N LEU D 89 -30.74 -14.41 -15.76
CA LEU D 89 -31.16 -13.66 -16.93
C LEU D 89 -32.34 -12.76 -16.56
N LEU D 90 -32.25 -11.50 -16.97
CA LEU D 90 -33.27 -10.51 -16.67
C LEU D 90 -34.22 -10.31 -17.83
N GLY D 91 -33.67 -10.46 -19.04
CA GLY D 91 -34.42 -10.31 -20.26
C GLY D 91 -33.52 -10.32 -21.47
N PHE D 92 -34.12 -10.07 -22.63
CA PHE D 92 -33.39 -10.07 -23.89
C PHE D 92 -33.95 -9.08 -24.90
N SER D 93 -33.15 -8.78 -25.90
CA SER D 93 -33.60 -7.97 -27.04
C SER D 93 -33.34 -8.71 -28.35
N SER D 94 -34.30 -8.61 -29.26
CA SER D 94 -34.17 -9.22 -30.59
C SER D 94 -34.81 -8.35 -31.69
N ASP D 95 -34.96 -7.06 -31.40
CA ASP D 95 -35.66 -6.14 -32.29
C ASP D 95 -34.74 -5.22 -33.09
N GLY D 96 -33.47 -5.13 -32.67
CA GLY D 96 -32.50 -4.28 -33.36
C GLY D 96 -31.58 -5.07 -34.27
N ASP D 97 -30.43 -4.49 -34.60
CA ASP D 97 -29.50 -5.12 -35.55
C ASP D 97 -28.54 -6.14 -34.94
N ASP D 98 -28.52 -6.22 -33.60
CA ASP D 98 -27.80 -7.29 -32.90
C ASP D 98 -28.62 -7.85 -31.73
N LEU D 99 -28.64 -9.17 -31.60
CA LEU D 99 -29.31 -9.86 -30.49
C LEU D 99 -28.65 -9.49 -29.17
N CYS D 100 -29.46 -9.31 -28.13
CA CYS D 100 -28.94 -8.89 -26.83
C CYS D 100 -29.51 -9.71 -25.66
N LEU D 101 -28.66 -10.05 -24.70
CA LEU D 101 -29.08 -10.74 -23.49
C LEU D 101 -28.71 -9.92 -22.26
N VAL D 102 -29.65 -9.78 -21.34
CA VAL D 102 -29.48 -8.91 -20.18
C VAL D 102 -29.48 -9.75 -18.89
N TYR D 103 -28.42 -9.57 -18.09
CA TYR D 103 -28.23 -10.35 -16.87
C TYR D 103 -28.08 -9.46 -15.65
N VAL D 104 -28.23 -10.05 -14.47
CA VAL D 104 -27.86 -9.41 -13.22
C VAL D 104 -26.35 -9.13 -13.28
N TYR D 105 -25.96 -7.89 -12.97
CA TYR D 105 -24.55 -7.48 -13.00
C TYR D 105 -23.69 -8.19 -11.94
N MET D 106 -22.59 -8.80 -12.38
CA MET D 106 -21.61 -9.43 -11.47
C MET D 106 -20.33 -8.59 -11.38
N PRO D 107 -20.22 -7.75 -10.33
CA PRO D 107 -19.16 -6.75 -10.20
C PRO D 107 -17.73 -7.28 -10.20
N ASN D 108 -17.56 -8.56 -9.86
CA ASN D 108 -16.23 -9.12 -9.69
C ASN D 108 -15.75 -10.01 -10.83
N GLY D 109 -16.49 -9.97 -11.94
CA GLY D 109 -16.06 -10.61 -13.19
C GLY D 109 -15.93 -12.12 -13.06
N SER D 110 -14.98 -12.70 -13.78
CA SER D 110 -14.85 -14.14 -13.84
C SER D 110 -13.80 -14.65 -12.86
N LEU D 111 -13.95 -15.91 -12.45
CA LEU D 111 -12.92 -16.59 -11.67
C LEU D 111 -11.57 -16.57 -12.39
N LEU D 112 -11.60 -16.73 -13.71
CA LEU D 112 -10.39 -16.63 -14.52
C LEU D 112 -9.63 -15.33 -14.26
N ASP D 113 -10.33 -14.21 -14.37
CA ASP D 113 -9.69 -12.90 -14.20
C ASP D 113 -9.26 -12.60 -12.77
N ARG D 114 -10.05 -13.06 -11.81
CA ARG D 114 -9.69 -12.93 -10.41
C ARG D 114 -8.51 -13.83 -10.03
N LEU D 115 -8.48 -15.04 -10.59
CA LEU D 115 -7.32 -15.91 -10.39
C LEU D 115 -6.03 -15.31 -10.97
N SER D 116 -6.15 -14.62 -12.11
CA SER D 116 -4.99 -13.98 -12.73
C SER D 116 -4.72 -12.59 -12.19
N CYS D 117 -5.63 -12.09 -11.34
CA CYS D 117 -5.58 -10.75 -10.75
C CYS D 117 -5.58 -9.66 -11.84
N LEU D 118 -6.31 -9.94 -12.92
CA LEU D 118 -6.37 -9.01 -14.03
C LEU D 118 -6.69 -7.62 -13.56
N ASP D 119 -6.00 -6.65 -14.15
CA ASP D 119 -6.14 -5.22 -13.84
C ASP D 119 -5.66 -4.81 -12.45
N GLY D 120 -5.06 -5.76 -11.72
CA GLY D 120 -4.44 -5.46 -10.43
C GLY D 120 -5.35 -5.65 -9.24
N THR D 121 -6.38 -6.46 -9.38
CA THR D 121 -7.27 -6.79 -8.28
C THR D 121 -6.52 -7.68 -7.28
N PRO D 122 -6.89 -7.61 -5.99
CA PRO D 122 -6.20 -8.40 -4.97
C PRO D 122 -6.42 -9.90 -5.19
N PRO D 123 -5.41 -10.73 -4.84
CA PRO D 123 -5.53 -12.18 -4.99
C PRO D 123 -6.64 -12.74 -4.10
N LEU D 124 -7.30 -13.80 -4.55
CA LEU D 124 -8.33 -14.45 -3.75
C LEU D 124 -7.70 -15.28 -2.64
N SER D 125 -8.19 -15.10 -1.41
CA SER D 125 -7.72 -15.92 -0.28
C SER D 125 -8.19 -17.36 -0.44
N TRP D 126 -7.54 -18.29 0.26
CA TRP D 126 -7.98 -19.69 0.28
C TRP D 126 -9.42 -19.82 0.80
N HIS D 127 -9.75 -19.02 1.82
CA HIS D 127 -11.11 -18.96 2.35
C HIS D 127 -12.11 -18.62 1.24
N MET D 128 -11.78 -17.63 0.41
CA MET D 128 -12.63 -17.23 -0.70
C MET D 128 -12.70 -18.34 -1.75
N ARG D 129 -11.56 -18.99 -1.99
CA ARG D 129 -11.47 -20.06 -2.98
C ARG D 129 -12.31 -21.29 -2.63
N CYS D 130 -12.33 -21.65 -1.35
CA CYS D 130 -13.16 -22.77 -0.88
C CYS D 130 -14.65 -22.50 -1.06
N LYS D 131 -15.07 -21.27 -0.78
CA LYS D 131 -16.48 -20.88 -0.98
C LYS D 131 -16.85 -20.91 -2.46
N ILE D 132 -15.95 -20.42 -3.31
CA ILE D 132 -16.18 -20.43 -4.77
C ILE D 132 -16.27 -21.86 -5.30
N ALA D 133 -15.34 -22.71 -4.88
CA ALA D 133 -15.38 -24.13 -5.26
C ALA D 133 -16.71 -24.79 -4.89
N GLN D 134 -17.19 -24.53 -3.66
CA GLN D 134 -18.43 -25.17 -3.18
C GLN D 134 -19.62 -24.67 -3.96
N GLY D 135 -19.66 -23.36 -4.16
CA GLY D 135 -20.70 -22.72 -4.97
C GLY D 135 -20.77 -23.27 -6.40
N ALA D 136 -19.63 -23.28 -7.09
CA ALA D 136 -19.56 -23.85 -8.45
C ALA D 136 -20.12 -25.28 -8.50
N ALA D 137 -19.71 -26.12 -7.56
CA ALA D 137 -20.24 -27.48 -7.46
C ALA D 137 -21.75 -27.52 -7.23
N ASN D 138 -22.28 -26.60 -6.42
CA ASN D 138 -23.72 -26.52 -6.14
C ASN D 138 -24.52 -26.14 -7.40
N GLY D 139 -23.99 -25.21 -8.19
CA GLY D 139 -24.61 -24.82 -9.46
C GLY D 139 -24.63 -25.94 -10.48
N ILE D 140 -23.51 -26.64 -10.60
CA ILE D 140 -23.42 -27.80 -11.50
C ILE D 140 -24.35 -28.91 -11.03
N ASN D 141 -24.40 -29.15 -9.71
CA ASN D 141 -25.33 -30.13 -9.16
C ASN D 141 -26.79 -29.79 -9.49
N PHE D 142 -27.17 -28.53 -9.32
CA PHE D 142 -28.49 -28.11 -9.74
C PHE D 142 -28.77 -28.45 -11.20
N LEU D 143 -27.83 -28.12 -12.08
CA LEU D 143 -27.96 -28.37 -13.52
C LEU D 143 -28.16 -29.86 -13.85
N HIS D 144 -27.31 -30.70 -13.26
CA HIS D 144 -27.39 -32.14 -13.47
C HIS D 144 -28.66 -32.71 -12.86
N GLU D 145 -29.07 -32.18 -11.71
CA GLU D 145 -30.36 -32.53 -11.10
C GLU D 145 -31.51 -32.21 -12.03
N ASN D 146 -31.34 -31.13 -12.79
CA ASN D 146 -32.32 -30.69 -13.77
C ASN D 146 -32.03 -31.18 -15.18
N HIS D 147 -31.29 -32.29 -15.27
CA HIS D 147 -30.98 -32.96 -16.54
C HIS D 147 -30.41 -32.03 -17.61
N HIS D 148 -29.53 -31.12 -17.19
CA HIS D 148 -28.83 -30.22 -18.11
C HIS D 148 -27.33 -30.44 -18.01
N ILE D 149 -26.67 -30.61 -19.17
CA ILE D 149 -25.21 -30.69 -19.25
C ILE D 149 -24.72 -29.35 -19.78
N HIS D 150 -23.78 -28.74 -19.08
CA HIS D 150 -23.29 -27.41 -19.43
C HIS D 150 -22.47 -27.43 -20.71
N ARG D 151 -21.44 -28.29 -20.74
CA ARG D 151 -20.58 -28.54 -21.90
C ARG D 151 -19.42 -27.57 -22.07
N ASP D 152 -19.38 -26.52 -21.25
CA ASP D 152 -18.28 -25.55 -21.29
C ASP D 152 -17.93 -25.01 -19.90
N ILE D 153 -17.76 -25.91 -18.94
CA ILE D 153 -17.35 -25.54 -17.59
C ILE D 153 -15.88 -25.12 -17.62
N LYS D 154 -15.64 -23.84 -17.32
CA LYS D 154 -14.29 -23.28 -17.24
C LYS D 154 -14.30 -22.07 -16.33
N SER D 155 -13.12 -21.62 -15.91
CA SER D 155 -13.04 -20.51 -14.96
C SER D 155 -13.57 -19.20 -15.54
N ALA D 156 -13.47 -19.02 -16.86
CA ALA D 156 -14.08 -17.88 -17.55
C ALA D 156 -15.61 -17.86 -17.43
N ASN D 157 -16.20 -19.04 -17.25
CA ASN D 157 -17.65 -19.18 -17.16
C ASN D 157 -18.15 -19.32 -15.71
N ILE D 158 -17.28 -19.03 -14.76
CA ILE D 158 -17.72 -18.91 -13.37
C ILE D 158 -17.57 -17.45 -12.98
N LEU D 159 -18.71 -16.79 -12.82
CA LEU D 159 -18.73 -15.37 -12.47
C LEU D 159 -18.85 -15.17 -10.96
N LEU D 160 -18.51 -13.97 -10.50
CA LEU D 160 -18.41 -13.74 -9.05
C LEU D 160 -19.17 -12.47 -8.67
N ASP D 161 -20.14 -12.61 -7.78
CA ASP D 161 -20.96 -11.46 -7.38
C ASP D 161 -20.29 -10.57 -6.33
N GLU D 162 -21.09 -9.68 -5.72
CA GLU D 162 -20.63 -8.72 -4.71
C GLU D 162 -20.01 -9.37 -3.47
N ALA D 163 -20.36 -10.62 -3.20
CA ALA D 163 -19.83 -11.35 -2.07
C ALA D 163 -18.95 -12.51 -2.55
N PHE D 164 -18.46 -12.43 -3.78
CA PHE D 164 -17.64 -13.49 -4.41
C PHE D 164 -18.30 -14.88 -4.35
N THR D 165 -19.61 -14.89 -4.58
CA THR D 165 -20.40 -16.09 -4.76
C THR D 165 -20.23 -16.57 -6.21
N ALA D 166 -19.96 -17.86 -6.36
CA ALA D 166 -19.79 -18.47 -7.68
C ALA D 166 -21.12 -18.51 -8.41
N LYS D 167 -21.10 -18.09 -9.67
CA LYS D 167 -22.27 -18.07 -10.52
C LYS D 167 -21.90 -18.68 -11.88
N ILE D 168 -22.31 -19.92 -12.13
CA ILE D 168 -22.13 -20.52 -13.46
C ILE D 168 -22.85 -19.66 -14.50
N SER D 169 -22.18 -19.40 -15.62
CA SER D 169 -22.77 -18.67 -16.74
C SER D 169 -22.53 -19.36 -18.09
N ASP D 170 -23.07 -18.75 -19.15
N ASP D 170 -23.11 -18.78 -19.14
CA ASP D 170 -22.99 -19.22 -20.54
CA ASP D 170 -22.97 -19.24 -20.52
C ASP D 170 -23.59 -20.62 -20.72
C ASP D 170 -23.58 -20.61 -20.75
N PHE D 171 -24.88 -20.64 -21.02
CA PHE D 171 -25.61 -21.88 -21.21
C PHE D 171 -25.95 -22.11 -22.67
N GLY D 172 -25.32 -21.34 -23.55
CA GLY D 172 -25.54 -21.41 -25.00
C GLY D 172 -25.25 -22.77 -25.63
N LEU D 173 -24.34 -23.52 -25.02
CA LEU D 173 -23.98 -24.85 -25.52
C LEU D 173 -24.66 -25.96 -24.72
N ALA D 174 -25.38 -25.59 -23.66
CA ALA D 174 -25.95 -26.55 -22.75
C ALA D 174 -26.93 -27.48 -23.44
N ARG D 175 -26.88 -28.76 -23.06
CA ARG D 175 -27.77 -29.78 -23.60
C ARG D 175 -28.65 -30.38 -22.51
N ALA D 176 -29.96 -30.34 -22.73
CA ALA D 176 -30.91 -30.88 -21.78
C ALA D 176 -31.23 -32.34 -22.15
N SER D 177 -30.64 -33.26 -21.41
CA SER D 177 -30.93 -34.69 -21.56
C SER D 177 -32.14 -35.03 -20.69
N GLU D 178 -33.22 -34.28 -20.87
CA GLU D 178 -34.45 -34.44 -20.10
C GLU D 178 -34.79 -35.93 -19.94
N LYS D 179 -34.88 -36.36 -18.68
CA LYS D 179 -35.12 -37.76 -18.32
C LYS D 179 -34.00 -38.72 -18.74
N PHE D 180 -33.89 -38.97 -20.04
CA PHE D 180 -33.01 -40.00 -20.62
C PHE D 180 -31.65 -40.12 -19.92
N ALA D 181 -30.86 -39.04 -19.97
CA ALA D 181 -29.59 -38.92 -19.22
C ALA D 181 -28.55 -40.01 -19.50
N GLN D 182 -28.55 -40.57 -20.71
CA GLN D 182 -27.57 -41.58 -21.13
C GLN D 182 -26.71 -41.09 -22.31
N VAL D 184 -24.77 -40.01 -25.45
CA VAL D 184 -25.14 -39.83 -26.85
C VAL D 184 -23.95 -39.22 -27.61
N MET D 185 -24.07 -39.13 -28.94
CA MET D 185 -23.02 -38.59 -29.79
C MET D 185 -23.45 -37.32 -30.53
N ARG D 188 -21.13 -32.14 -33.96
CA ARG D 188 -20.49 -30.82 -33.84
C ARG D 188 -19.81 -30.65 -32.48
N ILE D 189 -18.52 -30.92 -32.44
CA ILE D 189 -17.75 -30.88 -31.20
C ILE D 189 -17.53 -29.44 -30.75
N VAL D 190 -18.08 -29.10 -29.58
CA VAL D 190 -17.93 -27.76 -29.00
C VAL D 190 -17.35 -27.82 -27.59
N GLY D 191 -16.84 -26.69 -27.12
CA GLY D 191 -16.26 -26.61 -25.79
C GLY D 191 -14.87 -26.01 -25.85
N THR D 192 -14.19 -26.02 -24.71
CA THR D 192 -12.86 -25.42 -24.61
C THR D 192 -11.80 -26.48 -24.38
N THR D 193 -10.99 -26.70 -25.41
CA THR D 193 -9.98 -27.75 -25.50
C THR D 193 -9.26 -28.08 -24.19
N ALA D 194 -8.71 -27.05 -23.55
CA ALA D 194 -7.89 -27.23 -22.35
C ALA D 194 -8.69 -27.75 -21.14
N TYR D 195 -10.02 -27.73 -21.24
CA TYR D 195 -10.92 -28.16 -20.17
C TYR D 195 -11.66 -29.46 -20.48
N MET D 196 -11.67 -29.85 -21.75
CA MET D 196 -12.54 -30.94 -22.23
C MET D 196 -12.08 -32.35 -21.84
N ALA D 197 -13.03 -33.16 -21.39
CA ALA D 197 -12.82 -34.60 -21.21
C ALA D 197 -12.43 -35.24 -22.54
N PRO D 198 -11.66 -36.35 -22.49
CA PRO D 198 -11.30 -37.08 -23.71
C PRO D 198 -12.50 -37.49 -24.56
N GLU D 199 -13.54 -38.02 -23.92
CA GLU D 199 -14.74 -38.45 -24.64
C GLU D 199 -15.48 -37.28 -25.28
N ALA D 200 -15.50 -36.13 -24.57
CA ALA D 200 -16.13 -34.93 -25.10
C ALA D 200 -15.39 -34.46 -26.35
N LEU D 201 -14.06 -34.54 -26.33
CA LEU D 201 -13.22 -34.19 -27.49
C LEU D 201 -13.51 -35.05 -28.73
N ARG D 202 -14.14 -36.21 -28.52
CA ARG D 202 -14.42 -37.11 -29.61
C ARG D 202 -15.90 -37.12 -30.02
N GLY D 203 -16.68 -36.22 -29.41
CA GLY D 203 -18.08 -36.03 -29.79
C GLY D 203 -19.10 -36.65 -28.86
N GLU D 204 -18.64 -37.22 -27.74
CA GLU D 204 -19.57 -37.79 -26.76
C GLU D 204 -20.19 -36.70 -25.90
N ILE D 205 -21.49 -36.86 -25.61
CA ILE D 205 -22.23 -35.94 -24.75
C ILE D 205 -22.74 -36.66 -23.49
N THR D 206 -22.19 -36.27 -22.34
CA THR D 206 -22.52 -36.88 -21.04
C THR D 206 -22.20 -35.90 -19.90
N PRO D 207 -22.99 -35.93 -18.80
CA PRO D 207 -22.70 -35.08 -17.64
C PRO D 207 -21.33 -35.37 -17.00
N LYS D 208 -20.81 -36.57 -17.25
CA LYS D 208 -19.51 -36.98 -16.75
C LYS D 208 -18.39 -36.09 -17.28
N SER D 209 -18.60 -35.51 -18.45
CA SER D 209 -17.64 -34.59 -19.04
C SER D 209 -17.61 -33.25 -18.30
N ASP D 210 -18.75 -32.85 -17.72
CA ASP D 210 -18.79 -31.66 -16.86
C ASP D 210 -17.88 -31.83 -15.64
N ILE D 211 -17.89 -33.03 -15.07
CA ILE D 211 -17.11 -33.35 -13.88
C ILE D 211 -15.61 -33.17 -14.15
N TYR D 212 -15.17 -33.73 -15.28
CA TYR D 212 -13.77 -33.64 -15.69
C TYR D 212 -13.34 -32.18 -15.84
N SER D 213 -14.17 -31.37 -16.49
CA SER D 213 -13.85 -29.97 -16.72
C SER D 213 -13.78 -29.21 -15.41
N PHE D 214 -14.70 -29.54 -14.50
CA PHE D 214 -14.65 -28.98 -13.14
C PHE D 214 -13.36 -29.33 -12.42
N GLY D 215 -12.82 -30.53 -12.69
CA GLY D 215 -11.53 -30.95 -12.14
C GLY D 215 -10.40 -30.00 -12.49
N VAL D 216 -10.37 -29.58 -13.75
CA VAL D 216 -9.40 -28.58 -14.21
C VAL D 216 -9.58 -27.23 -13.50
N VAL D 217 -10.84 -26.81 -13.35
CA VAL D 217 -11.19 -25.62 -12.57
C VAL D 217 -10.61 -25.68 -11.17
N LEU D 218 -10.77 -26.81 -10.49
CA LEU D 218 -10.21 -26.97 -9.14
C LEU D 218 -8.70 -26.84 -9.14
N LEU D 219 -8.03 -27.40 -10.15
CA LEU D 219 -6.59 -27.21 -10.29
C LEU D 219 -6.22 -25.74 -10.44
N GLU D 220 -6.99 -25.00 -11.22
CA GLU D 220 -6.77 -23.56 -11.38
C GLU D 220 -6.90 -22.83 -10.05
N ILE D 221 -7.93 -23.19 -9.30
CA ILE D 221 -8.20 -22.59 -8.00
C ILE D 221 -7.04 -22.84 -7.03
N ILE D 222 -6.53 -24.07 -6.96
CA ILE D 222 -5.40 -24.43 -6.09
C ILE D 222 -4.09 -23.73 -6.51
N THR D 223 -3.83 -23.69 -7.81
CA THR D 223 -2.53 -23.27 -8.34
C THR D 223 -2.48 -21.81 -8.81
N GLY D 224 -3.63 -21.23 -9.14
CA GLY D 224 -3.69 -19.91 -9.76
C GLY D 224 -3.17 -19.90 -11.19
N LEU D 225 -2.88 -21.08 -11.74
CA LEU D 225 -2.35 -21.21 -13.09
C LEU D 225 -3.49 -21.37 -14.11
N PRO D 226 -3.35 -20.75 -15.29
CA PRO D 226 -4.34 -20.95 -16.35
C PRO D 226 -4.30 -22.37 -16.90
N ALA D 227 -5.43 -22.83 -17.45
CA ALA D 227 -5.54 -24.21 -17.94
C ALA D 227 -4.59 -24.54 -19.09
N VAL D 228 -4.31 -23.52 -19.92
CA VAL D 228 -3.30 -23.64 -20.97
C VAL D 228 -2.34 -22.43 -20.93
N ASP D 229 -1.05 -22.71 -21.02
CA ASP D 229 -0.03 -21.67 -21.10
C ASP D 229 1.04 -22.16 -22.08
N GLU D 230 1.11 -21.51 -23.25
CA GLU D 230 2.01 -21.95 -24.33
C GLU D 230 3.49 -21.94 -23.96
N HIS D 231 3.88 -21.01 -23.08
CA HIS D 231 5.27 -20.88 -22.65
C HIS D 231 5.57 -21.60 -21.32
N ARG D 232 4.71 -22.54 -20.95
CA ARG D 232 4.85 -23.29 -19.69
C ARG D 232 5.11 -24.77 -19.94
N GLU D 233 5.89 -25.38 -19.05
CA GLU D 233 5.98 -26.84 -18.98
C GLU D 233 5.37 -27.34 -17.69
N PRO D 234 4.27 -28.12 -17.78
CA PRO D 234 3.57 -28.52 -19.00
C PRO D 234 2.68 -27.39 -19.53
N GLN D 235 2.38 -27.41 -20.83
CA GLN D 235 1.49 -26.39 -21.41
C GLN D 235 0.08 -26.52 -20.86
N LEU D 236 -0.38 -27.77 -20.70
CA LEU D 236 -1.72 -28.05 -20.19
C LEU D 236 -1.66 -28.31 -18.70
N LEU D 237 -2.50 -27.60 -17.95
CA LEU D 237 -2.55 -27.73 -16.50
C LEU D 237 -2.94 -29.13 -16.03
N LEU D 238 -3.82 -29.80 -16.77
CA LEU D 238 -4.31 -31.13 -16.39
C LEU D 238 -3.19 -32.17 -16.25
N ASP D 239 -2.10 -31.95 -16.97
CA ASP D 239 -0.93 -32.82 -16.93
C ASP D 239 -0.12 -32.78 -15.62
N ILE D 240 -0.35 -31.77 -14.76
CA ILE D 240 0.37 -31.75 -13.47
C ILE D 240 -0.06 -32.92 -12.59
N LYS D 241 -1.26 -33.44 -12.83
CA LYS D 241 -1.78 -34.61 -12.12
C LYS D 241 -0.84 -35.83 -12.22
N GLU D 242 -0.28 -36.04 -13.42
CA GLU D 242 0.64 -37.15 -13.62
C GLU D 242 2.02 -36.89 -13.02
N GLU D 243 2.47 -35.65 -13.08
CA GLU D 243 3.72 -35.25 -12.42
C GLU D 243 3.66 -35.48 -10.91
N ILE D 244 2.52 -35.16 -10.31
CA ILE D 244 2.28 -35.39 -8.88
C ILE D 244 2.13 -36.89 -8.58
N GLU D 245 1.48 -37.62 -9.48
CA GLU D 245 1.30 -39.07 -9.31
C GLU D 245 2.59 -39.89 -9.52
N ASP D 246 3.51 -39.36 -10.32
CA ASP D 246 4.82 -40.00 -10.52
C ASP D 246 5.77 -39.72 -9.35
N GLU D 247 5.25 -39.01 -8.34
CA GLU D 247 6.00 -38.65 -7.12
C GLU D 247 7.25 -37.80 -7.36
N GLU D 248 7.31 -37.16 -8.53
CA GLU D 248 8.38 -36.19 -8.83
C GLU D 248 8.00 -34.79 -8.33
N LYS D 249 6.74 -34.64 -7.94
CA LYS D 249 6.22 -33.39 -7.39
C LYS D 249 5.05 -33.68 -6.43
N THR D 250 4.73 -32.69 -5.60
CA THR D 250 3.52 -32.72 -4.77
C THR D 250 2.66 -31.51 -5.12
N ILE D 251 1.40 -31.53 -4.70
CA ILE D 251 0.53 -30.36 -4.89
C ILE D 251 1.04 -29.14 -4.12
N GLU D 252 1.71 -29.36 -2.98
CA GLU D 252 2.39 -28.30 -2.22
C GLU D 252 3.29 -27.44 -3.09
N ASP D 253 4.04 -28.09 -3.98
CA ASP D 253 4.93 -27.42 -4.92
C ASP D 253 4.18 -26.48 -5.87
N TYR D 254 2.90 -26.81 -6.12
CA TYR D 254 2.08 -26.10 -7.10
C TYR D 254 1.08 -25.10 -6.50
N ILE D 255 0.94 -25.09 -5.17
CA ILE D 255 -0.02 -24.19 -4.52
C ILE D 255 0.28 -22.73 -4.89
N ASP D 256 -0.78 -22.00 -5.25
CA ASP D 256 -0.70 -20.56 -5.51
C ASP D 256 -0.03 -19.84 -4.34
N LYS D 257 1.01 -19.09 -4.64
CA LYS D 257 1.78 -18.39 -3.61
C LYS D 257 1.15 -17.07 -3.20
N LYS D 258 0.14 -16.63 -3.94
CA LYS D 258 -0.58 -15.39 -3.64
C LYS D 258 -1.72 -15.64 -2.66
N MET D 259 -1.46 -16.50 -1.67
CA MET D 259 -2.36 -16.74 -0.54
C MET D 259 -1.51 -16.75 0.73
N ASN D 260 -2.09 -16.32 1.84
CA ASN D 260 -1.43 -16.49 3.13
C ASN D 260 -2.21 -17.39 4.10
N ASP D 261 -3.34 -17.92 3.64
CA ASP D 261 -4.26 -18.68 4.51
C ASP D 261 -4.58 -20.11 4.08
N ALA D 262 -3.79 -20.66 3.15
CA ALA D 262 -3.96 -22.05 2.75
C ALA D 262 -3.35 -22.98 3.79
N ASP D 263 -4.07 -24.05 4.12
CA ASP D 263 -3.49 -25.13 4.93
C ASP D 263 -3.44 -26.41 4.13
N SER D 264 -2.40 -27.20 4.38
CA SER D 264 -2.15 -28.45 3.65
C SER D 264 -3.33 -29.41 3.62
N THR D 265 -3.98 -29.64 4.75
CA THR D 265 -5.09 -30.60 4.79
C THR D 265 -6.21 -30.25 3.80
N SER D 266 -6.70 -29.01 3.84
CA SER D 266 -7.81 -28.64 2.95
C SER D 266 -7.38 -28.52 1.48
N VAL D 267 -6.17 -28.01 1.26
CA VAL D 267 -5.57 -27.98 -0.08
C VAL D 267 -5.44 -29.39 -0.68
N GLU D 268 -5.01 -30.36 0.14
CA GLU D 268 -4.90 -31.73 -0.32
C GLU D 268 -6.28 -32.36 -0.52
N ALA D 269 -7.24 -31.93 0.30
CA ALA D 269 -8.63 -32.36 0.17
C ALA D 269 -9.26 -31.88 -1.14
N MET D 270 -9.08 -30.61 -1.49
CA MET D 270 -9.55 -30.13 -2.79
C MET D 270 -8.81 -30.84 -3.93
N TYR D 271 -7.49 -31.03 -3.79
CA TYR D 271 -6.74 -31.70 -4.84
C TYR D 271 -7.22 -33.12 -5.06
N SER D 272 -7.56 -33.81 -3.97
CA SER D 272 -8.10 -35.17 -4.08
C SER D 272 -9.40 -35.19 -4.87
N VAL D 273 -10.28 -34.22 -4.61
CA VAL D 273 -11.51 -34.06 -5.40
C VAL D 273 -11.17 -33.86 -6.89
N ALA D 274 -10.24 -32.96 -7.17
CA ALA D 274 -9.79 -32.65 -8.53
C ALA D 274 -9.24 -33.87 -9.26
N SER D 275 -8.40 -34.63 -8.55
CA SER D 275 -7.81 -35.86 -9.08
C SER D 275 -8.87 -36.89 -9.48
N GLN D 276 -9.85 -37.12 -8.60
CA GLN D 276 -10.98 -38.00 -8.91
C GLN D 276 -11.81 -37.51 -10.11
N CYS D 277 -12.07 -36.21 -10.17
CA CYS D 277 -12.78 -35.59 -11.31
C CYS D 277 -12.04 -35.83 -12.61
N LEU D 278 -10.71 -35.90 -12.51
CA LEU D 278 -9.85 -35.99 -13.68
C LEU D 278 -9.50 -37.41 -14.10
N HIS D 279 -10.28 -38.39 -13.66
CA HIS D 279 -10.06 -39.74 -14.16
C HIS D 279 -10.30 -39.73 -15.66
N GLU D 280 -9.40 -40.36 -16.42
CA GLU D 280 -9.54 -40.36 -17.87
C GLU D 280 -10.77 -41.18 -18.29
N LYS D 281 -11.04 -42.26 -17.55
CA LYS D 281 -12.24 -43.08 -17.78
C LYS D 281 -13.45 -42.46 -17.10
N LYS D 282 -14.42 -42.03 -17.90
CA LYS D 282 -15.57 -41.26 -17.40
C LYS D 282 -16.37 -41.99 -16.32
N ASN D 283 -16.42 -43.31 -16.41
CA ASN D 283 -17.19 -44.14 -15.49
C ASN D 283 -16.56 -44.27 -14.11
N LYS D 284 -15.28 -43.89 -14.00
CA LYS D 284 -14.58 -43.93 -12.72
C LYS D 284 -14.65 -42.58 -11.97
N ARG D 285 -15.07 -41.53 -12.67
CA ARG D 285 -15.25 -40.21 -12.06
C ARG D 285 -16.44 -40.18 -11.13
N PRO D 286 -16.36 -39.37 -10.04
CA PRO D 286 -17.51 -39.20 -9.16
C PRO D 286 -18.59 -38.41 -9.90
N ASP D 287 -19.85 -38.59 -9.51
CA ASP D 287 -20.91 -37.72 -9.99
C ASP D 287 -20.93 -36.43 -9.18
N ILE D 288 -21.65 -35.42 -9.65
CA ILE D 288 -21.58 -34.09 -9.05
C ILE D 288 -21.98 -34.08 -7.56
N LYS D 289 -22.86 -35.00 -7.17
CA LYS D 289 -23.31 -35.11 -5.78
C LYS D 289 -22.16 -35.49 -4.84
N LYS D 290 -21.33 -36.42 -5.28
CA LYS D 290 -20.16 -36.84 -4.50
C LYS D 290 -19.14 -35.72 -4.42
N VAL D 291 -18.94 -35.02 -5.54
CA VAL D 291 -18.06 -33.86 -5.58
C VAL D 291 -18.55 -32.80 -4.58
N GLN D 292 -19.86 -32.53 -4.63
CA GLN D 292 -20.50 -31.57 -3.73
C GLN D 292 -20.27 -31.93 -2.26
N GLN D 293 -20.52 -33.19 -1.92
CA GLN D 293 -20.31 -33.71 -0.56
C GLN D 293 -18.84 -33.64 -0.11
N LEU D 294 -17.93 -34.04 -0.99
CA LEU D 294 -16.50 -34.00 -0.67
C LEU D 294 -15.98 -32.58 -0.41
N LEU D 295 -16.45 -31.62 -1.21
CA LEU D 295 -16.06 -30.21 -1.02
C LEU D 295 -16.65 -29.65 0.28
N GLN D 296 -17.83 -30.14 0.66
CA GLN D 296 -18.45 -29.79 1.93
C GLN D 296 -17.64 -30.31 3.11
N GLU D 297 -17.21 -31.57 3.01
CA GLU D 297 -16.39 -32.21 4.05
C GLU D 297 -15.03 -31.54 4.25
N MET D 298 -14.51 -30.99 3.15
CA MET D 298 -13.28 -30.19 3.17
C MET D 298 -13.39 -28.99 4.13
N THR D 299 -14.57 -28.36 4.13
CA THR D 299 -14.91 -27.33 5.11
C THR D 299 -15.34 -28.06 6.40
N ALA D 300 -14.35 -28.49 7.17
CA ALA D 300 -14.59 -29.26 8.39
C ALA D 300 -15.03 -28.37 9.54
#